data_4ZX6
#
_entry.id   4ZX6
#
_cell.length_a   74.860
_cell.length_b   109.000
_cell.length_c   118.510
_cell.angle_alpha   90.00
_cell.angle_beta   90.00
_cell.angle_gamma   90.00
#
_symmetry.space_group_name_H-M   'P 21 21 21'
#
loop_
_entity.id
_entity.type
_entity.pdbx_description
1 polymer 'M1 family aminopeptidase'
2 non-polymer 'ZINC ION'
3 non-polymer "N-{(1R)-2-(hydroxyamino)-1-[3'-(N'-hydroxycarbamimidoyl)biphenyl-4-yl]-2-oxoethyl}-2,2-dimethylpropanamide"
4 non-polymer 'MAGNESIUM ION'
5 non-polymer 'DIMETHYL SULFOXIDE'
6 non-polymer GLYCEROL
7 water water
#
_entity_poly.entity_id   1
_entity_poly.type   'polypeptide(L)'
_entity_poly.pdbx_seq_one_letter_code
;EPKIHYRKDYKPSGFIINQVTLNINIHDQETIVRSVLDMDISKHNVGEDLVFDGVGLKINEISINNKKLVEGEEYTYDNE
FLTIFSKFVPKSKFAFSSEVIIHPETNYALTGLYKSKNIIVSQCEATGFRRITFFIDRPDMMAKYDVTVTADKEKYPVLL
SNGDKVNEFEIPGGRHGARFNDPPLKPCYLFAVVAGDLKHLSATYITKYTKKKVELYVFSEEKYVSKLQWALECLKKSMA
FDEDYFGLEYDLSRLNLVAVSDFNVGAMENKGLNIFNANSLLASKKNSIDFSYARILTVVGHEYFHQYTGNRVTLRDWFQ
LTLKEGLTVHRENLFSEEMTKTVTTRLSHVDLLRSVQFLEDSSPLSHPIRPESYVSMENFYTTTVYDKGSEVMRMYLTIL
GEEYYKKGFDIYIKKNDGNTATCEDFNYAMEQAYKMKKADNSANLNQYLLWFSQSGTPHVSFKYNYDAEKKQYSIHVNQY
TKPDENQKEKKPLFIPISVGLINPENGKEMISQTTLELTKESDTFVFNNIAVKPIPSLFRGFSAPVYIEDQLTDEERILL
LKYDSDAFVRYNSCTNIYMKQILMNYNEFLKAKNEKLESFQLTPVNAQFIDAIKYLLEDPHADAGFKSYIVSLPQDRYII
NFVSNLDTDVLADTKEYIYKQIGDKLNDVYYKMFKSLEAKADDLTYFNDESHVDFDQMNMRTLRNTLLSLLSKAQYPNIL
NEIIEHSKSPYPSNWLTSLSVSAYFDKYFELYDKTYKLSKDDELLLQEWLKTVSRSDRKDIYEILKKLENEVLKDSKNPN
DIRAVYLPFTNNLRRFHDISGKGYKLIAEVITKTDKFNPMVATQLCEPFKLWNKLDTKRQELMLNEMNTMLQEPQISNNL
KEYLLRLTNK
;
_entity_poly.pdbx_strand_id   A
#
# COMPACT_ATOMS: atom_id res chain seq x y z
N LYS A 3 -6.30 7.49 25.49
CA LYS A 3 -7.39 6.58 25.79
C LYS A 3 -7.43 5.42 24.79
N ILE A 4 -7.90 4.26 25.26
CA ILE A 4 -7.99 3.08 24.42
C ILE A 4 -9.44 2.78 24.04
N HIS A 5 -9.71 2.73 22.74
CA HIS A 5 -11.04 2.40 22.24
C HIS A 5 -11.14 0.91 21.94
N TYR A 6 -12.26 0.30 22.31
CA TYR A 6 -12.46 -1.13 22.07
C TYR A 6 -13.60 -1.38 21.09
N ARG A 7 -13.42 -2.39 20.25
CA ARG A 7 -14.39 -2.70 19.19
C ARG A 7 -15.74 -3.11 19.76
N LYS A 8 -15.72 -3.87 20.86
CA LYS A 8 -16.95 -4.37 21.47
C LYS A 8 -17.75 -3.25 22.12
N ASP A 9 -17.12 -2.09 22.29
CA ASP A 9 -17.75 -0.97 22.99
C ASP A 9 -18.52 -0.04 22.06
N TYR A 10 -18.73 -0.45 20.81
CA TYR A 10 -19.45 0.40 19.87
C TYR A 10 -20.85 0.73 20.37
N LYS A 11 -21.22 1.98 20.21
CA LYS A 11 -22.57 2.44 20.54
C LYS A 11 -22.90 3.65 19.69
N PRO A 12 -24.12 3.68 19.14
CA PRO A 12 -24.57 4.85 18.36
C PRO A 12 -24.54 6.13 19.21
N SER A 13 -24.31 7.27 18.56
CA SER A 13 -24.29 8.54 19.25
C SER A 13 -25.68 8.87 19.80
N GLY A 14 -25.73 9.71 20.83
CA GLY A 14 -26.98 10.17 21.38
C GLY A 14 -27.51 11.36 20.59
N PHE A 15 -26.79 11.72 19.53
CA PHE A 15 -27.15 12.87 18.73
C PHE A 15 -27.20 12.53 17.24
N ILE A 16 -27.96 13.33 16.48
CA ILE A 16 -28.04 13.18 15.05
C ILE A 16 -27.62 14.49 14.37
N ILE A 17 -26.81 14.39 13.33
CA ILE A 17 -26.51 15.54 12.48
C ILE A 17 -27.11 15.32 11.10
N ASN A 18 -28.18 16.05 10.80
CA ASN A 18 -28.90 15.87 9.55
C ASN A 18 -28.33 16.70 8.41
N GLN A 19 -28.02 17.96 8.69
CA GLN A 19 -27.55 18.87 7.65
C GLN A 19 -26.31 19.64 8.08
N VAL A 20 -25.36 19.76 7.16
CA VAL A 20 -24.17 20.59 7.39
C VAL A 20 -24.12 21.72 6.38
N THR A 21 -24.06 22.95 6.88
CA THR A 21 -23.95 24.12 6.01
C THR A 21 -22.67 24.88 6.30
N LEU A 22 -21.70 24.78 5.39
CA LEU A 22 -20.39 25.36 5.60
C LEU A 22 -20.14 26.63 4.78
N ASN A 23 -19.50 27.60 5.41
CA ASN A 23 -18.91 28.73 4.71
C ASN A 23 -17.41 28.79 5.01
N ILE A 24 -16.60 28.47 4.02
CA ILE A 24 -15.15 28.47 4.20
C ILE A 24 -14.53 29.67 3.48
N ASN A 25 -14.10 30.65 4.26
CA ASN A 25 -13.56 31.88 3.71
C ASN A 25 -12.05 31.96 3.84
N ILE A 26 -11.36 31.74 2.73
CA ILE A 26 -9.91 31.71 2.72
C ILE A 26 -9.29 33.09 2.52
N HIS A 27 -8.44 33.50 3.45
CA HIS A 27 -7.71 34.75 3.34
C HIS A 27 -6.20 34.50 3.42
N ASP A 28 -5.43 35.58 3.38
CA ASP A 28 -3.97 35.49 3.38
C ASP A 28 -3.43 34.84 4.66
N GLN A 29 -3.79 35.41 5.81
CA GLN A 29 -3.22 34.98 7.07
C GLN A 29 -4.19 34.16 7.92
N GLU A 30 -5.34 33.81 7.36
CA GLU A 30 -6.34 33.03 8.10
C GLU A 30 -7.47 32.52 7.20
N THR A 31 -8.12 31.45 7.66
CA THR A 31 -9.32 30.95 7.00
C THR A 31 -10.45 30.88 8.02
N ILE A 32 -11.50 31.65 7.78
CA ILE A 32 -12.65 31.69 8.68
C ILE A 32 -13.68 30.64 8.24
N VAL A 33 -14.02 29.75 9.16
CA VAL A 33 -14.98 28.69 8.87
C VAL A 33 -16.27 28.87 9.67
N ARG A 34 -17.36 29.12 8.96
CA ARG A 34 -18.67 29.23 9.58
C ARG A 34 -19.49 27.97 9.28
N SER A 35 -20.09 27.40 10.31
CA SER A 35 -20.80 26.14 10.17
C SER A 35 -22.12 26.13 10.94
N VAL A 36 -23.20 25.74 10.26
CA VAL A 36 -24.47 25.51 10.92
C VAL A 36 -24.82 24.03 10.84
N LEU A 37 -25.01 23.41 12.01
CA LEU A 37 -25.37 22.00 12.08
C LEU A 37 -26.83 21.84 12.49
N ASP A 38 -27.65 21.32 11.58
CA ASP A 38 -29.03 20.99 11.91
C ASP A 38 -29.06 19.64 12.59
N MET A 39 -29.32 19.64 13.90
CA MET A 39 -29.15 18.44 14.69
C MET A 39 -30.45 17.95 15.34
N ASP A 40 -30.41 16.73 15.83
CA ASP A 40 -31.55 16.14 16.52
C ASP A 40 -31.08 15.22 17.64
N ILE A 41 -32.03 14.78 18.47
CA ILE A 41 -31.75 13.87 19.56
C ILE A 41 -32.08 12.44 19.14
N SER A 42 -31.13 11.52 19.34
CA SER A 42 -31.34 10.14 18.94
C SER A 42 -32.00 9.33 20.06
N LYS A 43 -32.44 8.13 19.73
CA LYS A 43 -33.12 7.26 20.69
C LYS A 43 -32.15 6.71 21.74
N HIS A 44 -30.86 6.85 21.47
CA HIS A 44 -29.83 6.35 22.38
C HIS A 44 -29.39 7.42 23.37
N ASN A 45 -29.99 8.60 23.27
CA ASN A 45 -29.64 9.71 24.15
C ASN A 45 -30.11 9.49 25.58
N VAL A 46 -29.21 9.76 26.53
CA VAL A 46 -29.54 9.63 27.95
C VAL A 46 -29.30 10.95 28.68
N GLY A 47 -29.49 12.06 27.96
CA GLY A 47 -29.34 13.38 28.54
C GLY A 47 -27.91 13.78 28.80
N GLU A 48 -26.98 13.19 28.05
CA GLU A 48 -25.57 13.51 28.21
C GLU A 48 -25.24 14.90 27.67
N ASP A 49 -24.04 15.37 27.97
CA ASP A 49 -23.56 16.63 27.43
C ASP A 49 -23.35 16.51 25.92
N LEU A 50 -23.49 17.62 25.21
CA LEU A 50 -23.18 17.66 23.78
C LEU A 50 -21.68 17.88 23.59
N VAL A 51 -20.99 16.84 23.15
CA VAL A 51 -19.54 16.91 23.00
C VAL A 51 -19.11 16.82 21.53
N PHE A 52 -18.52 17.90 21.03
CA PHE A 52 -18.01 17.92 19.67
C PHE A 52 -16.51 17.66 19.64
N ASP A 53 -16.05 17.00 18.58
CA ASP A 53 -14.63 16.97 18.27
C ASP A 53 -14.26 18.31 17.65
N GLY A 54 -13.08 18.82 18.01
CA GLY A 54 -12.61 20.09 17.48
C GLY A 54 -11.17 20.32 17.92
N VAL A 55 -10.25 20.12 16.98
CA VAL A 55 -8.82 20.17 17.31
C VAL A 55 -8.13 21.39 16.72
N GLY A 56 -7.59 22.22 17.60
CA GLY A 56 -6.81 23.39 17.18
C GLY A 56 -7.64 24.49 16.57
N LEU A 57 -8.93 24.54 16.93
CA LEU A 57 -9.83 25.55 16.41
C LEU A 57 -9.83 26.80 17.28
N LYS A 58 -9.83 27.98 16.65
CA LYS A 58 -9.92 29.23 17.38
C LYS A 58 -11.37 29.74 17.34
N ILE A 59 -12.05 29.67 18.48
CA ILE A 59 -13.47 30.02 18.55
C ILE A 59 -13.71 31.53 18.54
N ASN A 60 -14.48 31.99 17.55
CA ASN A 60 -14.97 33.36 17.55
C ASN A 60 -16.32 33.43 18.24
N GLU A 61 -17.21 32.50 17.89
CA GLU A 61 -18.51 32.36 18.54
C GLU A 61 -19.12 30.99 18.26
N ILE A 62 -19.88 30.48 19.23
CA ILE A 62 -20.73 29.33 18.99
C ILE A 62 -22.13 29.63 19.52
N SER A 63 -23.13 28.97 18.93
CA SER A 63 -24.52 29.26 19.27
C SER A 63 -25.41 28.03 19.18
N ILE A 64 -26.55 28.12 19.85
CA ILE A 64 -27.61 27.11 19.73
C ILE A 64 -28.93 27.81 19.47
N ASN A 65 -29.51 27.56 18.30
CA ASN A 65 -30.72 28.24 17.85
C ASN A 65 -30.54 29.75 17.86
N ASN A 66 -29.41 30.19 17.29
CA ASN A 66 -29.07 31.60 17.14
C ASN A 66 -28.91 32.35 18.46
N LYS A 67 -28.72 31.63 19.55
CA LYS A 67 -28.38 32.27 20.82
C LYS A 67 -26.91 32.03 21.15
N LYS A 68 -26.15 33.11 21.22
CA LYS A 68 -24.72 33.06 21.49
C LYS A 68 -24.43 32.38 22.83
N LEU A 69 -23.52 31.40 22.81
CA LEU A 69 -23.17 30.67 24.02
C LEU A 69 -21.99 31.32 24.75
N VAL A 70 -22.02 31.29 26.07
CA VAL A 70 -20.97 31.90 26.88
C VAL A 70 -19.99 30.85 27.40
N GLU A 71 -18.71 31.09 27.17
CA GLU A 71 -17.66 30.16 27.59
C GLU A 71 -17.62 30.06 29.11
N GLY A 72 -17.40 28.83 29.60
CA GLY A 72 -17.32 28.59 31.03
C GLY A 72 -18.67 28.32 31.65
N GLU A 73 -19.63 29.20 31.37
CA GLU A 73 -20.98 29.06 31.90
C GLU A 73 -21.75 27.96 31.18
N GLU A 74 -21.69 27.96 29.85
CA GLU A 74 -22.49 27.04 29.06
C GLU A 74 -21.65 26.05 28.26
N TYR A 75 -20.39 26.39 28.00
CA TYR A 75 -19.51 25.45 27.32
C TYR A 75 -18.05 25.59 27.74
N THR A 76 -17.28 24.52 27.53
CA THR A 76 -15.84 24.54 27.72
C THR A 76 -15.17 23.99 26.46
N TYR A 77 -13.96 24.46 26.19
CA TYR A 77 -13.19 23.98 25.05
C TYR A 77 -11.71 23.85 25.39
N ASP A 78 -11.18 22.64 25.26
CA ASP A 78 -9.80 22.36 25.66
C ASP A 78 -8.89 22.10 24.47
N ASN A 79 -9.23 22.72 23.33
CA ASN A 79 -8.49 22.57 22.07
C ASN A 79 -8.59 21.17 21.46
N GLU A 80 -9.44 20.32 22.04
CA GLU A 80 -9.63 18.97 21.51
C GLU A 80 -11.12 18.60 21.50
N PHE A 81 -11.81 18.93 22.58
CA PHE A 81 -13.25 18.67 22.67
C PHE A 81 -14.02 19.92 23.08
N LEU A 82 -15.10 20.19 22.36
CA LEU A 82 -16.02 21.25 22.73
C LEU A 82 -17.18 20.63 23.51
N THR A 83 -17.25 20.94 24.80
CA THR A 83 -18.29 20.39 25.65
C THR A 83 -19.39 21.40 25.96
N ILE A 84 -20.61 21.09 25.55
CA ILE A 84 -21.77 21.90 25.91
C ILE A 84 -22.59 21.17 26.95
N PHE A 85 -22.67 21.74 28.15
CA PHE A 85 -23.36 21.10 29.27
C PHE A 85 -24.82 20.83 28.94
N SER A 86 -25.30 19.68 29.41
CA SER A 86 -26.60 19.13 29.00
C SER A 86 -27.78 20.06 29.19
N LYS A 87 -27.75 20.85 30.25
CA LYS A 87 -28.88 21.73 30.59
C LYS A 87 -29.10 22.81 29.55
N PHE A 88 -28.11 23.02 28.68
CA PHE A 88 -28.22 24.02 27.62
C PHE A 88 -28.44 23.36 26.27
N VAL A 89 -28.50 22.04 26.25
CA VAL A 89 -28.76 21.29 25.03
C VAL A 89 -30.26 21.01 24.88
N PRO A 90 -30.84 21.42 23.75
CA PRO A 90 -32.27 21.21 23.46
C PRO A 90 -32.63 19.73 23.43
N LYS A 91 -33.93 19.44 23.60
CA LYS A 91 -34.38 18.05 23.68
C LYS A 91 -35.10 17.63 22.40
N SER A 92 -35.16 18.53 21.44
CA SER A 92 -35.71 18.25 20.12
C SER A 92 -34.75 18.74 19.06
N LYS A 93 -35.23 18.81 17.81
CA LYS A 93 -34.42 19.32 16.70
C LYS A 93 -33.90 20.72 17.00
N PHE A 94 -32.61 20.93 16.79
CA PHE A 94 -32.02 22.24 17.04
C PHE A 94 -30.88 22.53 16.07
N ALA A 95 -30.47 23.80 16.04
CA ALA A 95 -29.38 24.22 15.17
C ALA A 95 -28.16 24.63 16.00
N PHE A 96 -27.03 23.99 15.73
CA PHE A 96 -25.77 24.42 16.32
C PHE A 96 -24.95 25.16 15.28
N SER A 97 -24.50 26.36 15.63
CA SER A 97 -23.68 27.15 14.73
C SER A 97 -22.36 27.54 15.41
N SER A 98 -21.35 27.78 14.60
CA SER A 98 -20.05 28.21 15.11
C SER A 98 -19.24 28.91 14.04
N GLU A 99 -18.39 29.84 14.47
CA GLU A 99 -17.41 30.43 13.58
C GLU A 99 -16.02 30.25 14.17
N VAL A 100 -15.15 29.56 13.46
CA VAL A 100 -13.81 29.30 13.96
C VAL A 100 -12.74 29.80 13.01
N ILE A 101 -11.54 30.00 13.54
CA ILE A 101 -10.43 30.35 12.68
C ILE A 101 -9.38 29.26 12.65
N ILE A 102 -9.01 28.87 11.44
CA ILE A 102 -7.91 27.94 11.23
C ILE A 102 -6.92 28.56 10.25
N HIS A 103 -5.68 28.08 10.25
CA HIS A 103 -4.67 28.56 9.32
C HIS A 103 -4.00 27.42 8.61
N PRO A 104 -4.52 27.10 7.41
CA PRO A 104 -3.95 26.08 6.54
C PRO A 104 -2.51 26.40 6.12
N GLU A 105 -2.14 27.69 6.12
CA GLU A 105 -0.81 28.12 5.68
C GLU A 105 0.31 27.53 6.53
N THR A 106 0.05 27.36 7.83
CA THR A 106 1.04 26.83 8.75
C THR A 106 0.73 25.38 9.16
N ASN A 107 -0.22 24.77 8.47
CA ASN A 107 -0.58 23.38 8.74
C ASN A 107 0.36 22.42 8.00
N TYR A 108 1.43 22.02 8.67
CA TYR A 108 2.45 21.18 8.06
C TYR A 108 2.19 19.69 8.30
N ALA A 109 1.19 19.39 9.11
CA ALA A 109 0.83 18.00 9.40
C ALA A 109 0.06 17.39 8.24
N LEU A 110 -0.43 18.26 7.36
CA LEU A 110 -1.16 17.86 6.16
C LEU A 110 -2.44 17.10 6.51
N THR A 111 -3.02 17.46 7.64
CA THR A 111 -4.28 16.88 8.11
C THR A 111 -5.28 18.02 8.30
N GLY A 112 -6.52 17.80 7.87
CA GLY A 112 -7.52 18.86 7.91
C GLY A 112 -7.39 19.75 6.69
N LEU A 113 -7.48 21.06 6.88
CA LEU A 113 -7.28 21.99 5.78
C LEU A 113 -5.85 22.51 5.80
N TYR A 114 -5.12 22.36 4.70
CA TYR A 114 -3.76 22.82 4.64
C TYR A 114 -3.36 23.34 3.27
N LYS A 115 -2.22 24.03 3.22
CA LYS A 115 -1.72 24.63 1.99
C LYS A 115 -0.56 23.80 1.44
N SER A 116 -0.69 23.36 0.19
CA SER A 116 0.38 22.65 -0.50
C SER A 116 0.87 23.49 -1.67
N LYS A 117 2.06 24.06 -1.51
CA LYS A 117 2.59 25.04 -2.45
C LYS A 117 1.59 26.18 -2.64
N ASN A 118 0.92 26.20 -3.78
CA ASN A 118 -0.08 27.23 -4.03
C ASN A 118 -1.48 26.65 -4.19
N ILE A 119 -1.73 25.53 -3.50
CA ILE A 119 -3.04 24.91 -3.50
C ILE A 119 -3.55 24.75 -2.07
N ILE A 120 -4.79 25.15 -1.83
CA ILE A 120 -5.45 24.86 -0.56
C ILE A 120 -6.24 23.56 -0.71
N VAL A 121 -5.95 22.58 0.13
CA VAL A 121 -6.53 21.26 -0.02
C VAL A 121 -6.84 20.66 1.35
N SER A 122 -7.89 19.83 1.41
CA SER A 122 -8.26 19.18 2.66
C SER A 122 -7.93 17.69 2.65
N GLN A 123 -7.79 17.13 3.85
CA GLN A 123 -7.62 15.69 4.02
C GLN A 123 -8.26 15.30 5.36
N CYS A 124 -9.40 14.63 5.30
CA CYS A 124 -10.22 14.44 6.48
C CYS A 124 -10.19 13.02 7.06
N GLU A 125 -9.89 12.02 6.24
CA GLU A 125 -9.74 10.67 6.78
C GLU A 125 -8.42 10.59 7.56
N ALA A 126 -8.47 10.09 8.79
CA ALA A 126 -9.70 9.56 9.38
C ALA A 126 -10.38 10.57 10.29
N THR A 127 -9.57 11.37 10.99
CA THR A 127 -10.09 12.32 11.96
C THR A 127 -9.64 13.73 11.64
N GLY A 128 -9.69 14.11 10.37
CA GLY A 128 -9.20 15.39 9.93
C GLY A 128 -10.25 16.48 9.83
N PHE A 129 -11.53 16.08 9.74
CA PHE A 129 -12.61 17.06 9.63
C PHE A 129 -12.72 17.90 10.89
N ARG A 130 -12.42 17.30 12.03
CA ARG A 130 -12.49 17.98 13.32
C ARG A 130 -11.44 19.10 13.43
N ARG A 131 -10.50 19.11 12.49
CA ARG A 131 -9.50 20.17 12.44
C ARG A 131 -9.96 21.33 11.57
N ILE A 132 -11.16 21.20 11.00
CA ILE A 132 -11.73 22.24 10.14
C ILE A 132 -12.90 22.93 10.83
N THR A 133 -13.76 22.15 11.47
CA THR A 133 -14.86 22.69 12.26
C THR A 133 -15.33 21.66 13.27
N PHE A 134 -16.16 22.08 14.21
CA PHE A 134 -16.69 21.18 15.23
C PHE A 134 -17.62 20.16 14.59
N PHE A 135 -17.52 18.92 15.06
CA PHE A 135 -18.33 17.84 14.52
C PHE A 135 -18.23 16.60 15.42
N ILE A 136 -19.23 15.75 15.38
CA ILE A 136 -19.10 14.43 15.99
C ILE A 136 -18.39 13.55 14.97
N ASP A 137 -17.07 13.65 14.99
CA ASP A 137 -16.21 13.14 13.91
C ASP A 137 -16.08 11.62 13.92
N ARG A 138 -17.12 10.95 13.43
CA ARG A 138 -17.12 9.49 13.31
C ARG A 138 -17.95 9.09 12.08
N PRO A 139 -17.59 7.97 11.45
CA PRO A 139 -18.18 7.60 10.15
C PRO A 139 -19.66 7.22 10.17
N ASP A 140 -20.24 6.95 11.33
CA ASP A 140 -21.65 6.57 11.38
C ASP A 140 -22.55 7.79 11.52
N MET A 141 -21.96 8.98 11.52
CA MET A 141 -22.71 10.23 11.54
C MET A 141 -22.93 10.75 10.12
N MET A 142 -23.94 10.21 9.45
CA MET A 142 -24.24 10.59 8.07
C MET A 142 -25.01 11.89 8.01
N ALA A 143 -24.64 12.78 7.10
CA ALA A 143 -25.28 14.08 6.97
C ALA A 143 -25.29 14.61 5.54
N LYS A 144 -26.16 15.58 5.29
CA LYS A 144 -26.19 16.29 4.00
C LYS A 144 -25.26 17.51 4.08
N TYR A 145 -24.65 17.87 2.95
CA TYR A 145 -23.66 18.93 2.94
C TYR A 145 -23.95 20.05 1.95
N ASP A 146 -24.00 21.27 2.46
CA ASP A 146 -24.12 22.47 1.64
C ASP A 146 -22.91 23.34 1.91
N VAL A 147 -22.00 23.42 0.95
CA VAL A 147 -20.70 24.04 1.19
C VAL A 147 -20.42 25.22 0.26
N THR A 148 -20.10 26.37 0.86
CA THR A 148 -19.70 27.55 0.10
C THR A 148 -18.23 27.89 0.37
N VAL A 149 -17.47 28.13 -0.69
CA VAL A 149 -16.05 28.46 -0.57
C VAL A 149 -15.74 29.80 -1.22
N THR A 150 -15.06 30.66 -0.48
CA THR A 150 -14.65 31.97 -1.01
C THR A 150 -13.15 32.17 -0.87
N ALA A 151 -12.56 32.85 -1.84
CA ALA A 151 -11.11 33.10 -1.84
C ALA A 151 -10.73 34.22 -2.80
N ASP A 152 -9.47 34.62 -2.76
CA ASP A 152 -8.94 35.58 -3.73
C ASP A 152 -9.00 34.96 -5.12
N LYS A 153 -9.52 35.72 -6.09
CA LYS A 153 -9.79 35.18 -7.41
C LYS A 153 -8.51 34.91 -8.21
N GLU A 154 -7.55 35.81 -8.13
CA GLU A 154 -6.29 35.66 -8.86
C GLU A 154 -5.50 34.44 -8.37
N LYS A 155 -5.41 34.30 -7.05
CA LYS A 155 -4.65 33.20 -6.46
C LYS A 155 -5.37 31.86 -6.58
N TYR A 156 -6.70 31.88 -6.40
CA TYR A 156 -7.47 30.64 -6.39
C TYR A 156 -8.68 30.70 -7.31
N PRO A 157 -8.45 30.71 -8.63
CA PRO A 157 -9.56 30.79 -9.60
C PRO A 157 -10.43 29.53 -9.64
N VAL A 158 -9.86 28.40 -9.24
CA VAL A 158 -10.59 27.14 -9.26
C VAL A 158 -11.02 26.70 -7.87
N LEU A 159 -12.33 26.60 -7.67
CA LEU A 159 -12.90 26.17 -6.40
C LEU A 159 -13.66 24.86 -6.56
N LEU A 160 -13.38 23.89 -5.69
CA LEU A 160 -14.02 22.58 -5.78
C LEU A 160 -14.46 22.05 -4.41
N SER A 161 -15.57 21.31 -4.41
CA SER A 161 -16.01 20.57 -3.24
C SER A 161 -16.92 19.42 -3.71
N ASN A 162 -17.45 18.64 -2.77
CA ASN A 162 -18.33 17.55 -3.13
C ASN A 162 -19.67 18.06 -3.68
N GLY A 163 -20.32 17.23 -4.50
CA GLY A 163 -21.65 17.52 -4.99
C GLY A 163 -21.68 18.43 -6.20
N ASP A 164 -22.85 19.04 -6.43
CA ASP A 164 -23.05 19.89 -7.59
C ASP A 164 -22.74 21.35 -7.27
N LYS A 165 -21.96 21.99 -8.14
CA LYS A 165 -21.75 23.42 -8.04
C LYS A 165 -23.03 24.13 -8.47
N VAL A 166 -23.65 24.84 -7.53
CA VAL A 166 -24.95 25.43 -7.78
C VAL A 166 -24.91 26.95 -7.94
N ASN A 167 -23.80 27.56 -7.54
CA ASN A 167 -23.66 29.01 -7.70
C ASN A 167 -22.21 29.47 -7.79
N GLU A 168 -21.96 30.43 -8.67
CA GLU A 168 -20.66 31.08 -8.79
C GLU A 168 -20.86 32.59 -8.78
N PHE A 169 -20.17 33.29 -7.89
CA PHE A 169 -20.41 34.72 -7.73
C PHE A 169 -19.14 35.52 -7.43
N GLU A 170 -19.15 36.78 -7.85
CA GLU A 170 -18.05 37.69 -7.58
C GLU A 170 -18.19 38.31 -6.19
N ILE A 171 -17.07 38.64 -5.57
CA ILE A 171 -17.06 39.24 -4.25
C ILE A 171 -16.18 40.49 -4.24
N PRO A 172 -16.66 41.58 -3.64
CA PRO A 172 -15.90 42.83 -3.51
C PRO A 172 -14.48 42.60 -2.98
N GLY A 173 -13.50 43.26 -3.59
CA GLY A 173 -12.12 43.13 -3.18
C GLY A 173 -11.35 42.07 -3.95
N GLY A 174 -11.82 41.77 -5.15
CA GLY A 174 -11.16 40.81 -6.02
C GLY A 174 -11.33 39.37 -5.58
N ARG A 175 -12.39 39.11 -4.80
CA ARG A 175 -12.67 37.77 -4.34
C ARG A 175 -13.82 37.14 -5.12
N HIS A 176 -14.00 35.83 -4.96
CA HIS A 176 -15.06 35.11 -5.62
C HIS A 176 -15.51 33.93 -4.76
N GLY A 177 -16.73 33.44 -5.00
CA GLY A 177 -17.25 32.33 -4.23
C GLY A 177 -17.88 31.25 -5.09
N ALA A 178 -17.97 30.05 -4.54
CA ALA A 178 -18.63 28.94 -5.20
C ALA A 178 -19.41 28.10 -4.19
N ARG A 179 -20.66 27.82 -4.51
CA ARG A 179 -21.52 27.03 -3.63
C ARG A 179 -21.69 25.62 -4.17
N PHE A 180 -21.47 24.63 -3.32
CA PHE A 180 -21.61 23.22 -3.69
C PHE A 180 -22.62 22.53 -2.79
N ASN A 181 -23.66 21.95 -3.40
CA ASN A 181 -24.65 21.22 -2.63
C ASN A 181 -24.58 19.72 -2.92
N ASP A 182 -24.50 18.92 -1.86
CA ASP A 182 -24.37 17.48 -2.00
C ASP A 182 -25.42 16.76 -1.16
N PRO A 183 -26.64 16.62 -1.72
CA PRO A 183 -27.81 16.03 -1.04
C PRO A 183 -27.62 14.62 -0.45
N PRO A 184 -26.93 13.69 -1.14
CA PRO A 184 -26.83 12.36 -0.52
C PRO A 184 -26.05 12.37 0.80
N LEU A 185 -26.50 11.58 1.76
CA LEU A 185 -25.83 11.46 3.05
C LEU A 185 -24.41 10.94 2.89
N LYS A 186 -23.49 11.44 3.71
CA LYS A 186 -22.12 10.94 3.71
C LYS A 186 -21.46 11.20 5.06
N PRO A 187 -20.49 10.34 5.42
CA PRO A 187 -19.65 10.59 6.60
C PRO A 187 -18.70 11.75 6.34
N CYS A 188 -18.27 12.44 7.40
CA CYS A 188 -17.49 13.66 7.24
C CYS A 188 -16.08 13.43 6.71
N TYR A 189 -15.56 12.22 6.82
CA TYR A 189 -14.20 11.95 6.36
C TYR A 189 -14.15 11.96 4.83
N LEU A 190 -15.31 11.91 4.20
CA LEU A 190 -15.38 11.98 2.75
C LEU A 190 -15.59 13.41 2.24
N PHE A 191 -15.65 14.36 3.18
CA PHE A 191 -15.70 15.78 2.81
C PHE A 191 -14.37 16.20 2.19
N ALA A 192 -14.44 17.09 1.20
CA ALA A 192 -13.24 17.65 0.61
C ALA A 192 -13.48 19.04 0.03
N VAL A 193 -12.44 19.86 0.05
CA VAL A 193 -12.46 21.17 -0.57
C VAL A 193 -11.10 21.43 -1.21
N VAL A 194 -11.10 22.04 -2.38
CA VAL A 194 -9.88 22.36 -3.10
C VAL A 194 -9.96 23.76 -3.68
N ALA A 195 -8.90 24.55 -3.48
CA ALA A 195 -8.80 25.88 -4.07
C ALA A 195 -7.40 26.11 -4.61
N GLY A 196 -7.30 26.61 -5.84
CA GLY A 196 -6.00 26.87 -6.43
C GLY A 196 -6.02 27.27 -7.90
N ASP A 197 -4.85 27.56 -8.44
CA ASP A 197 -4.69 27.91 -9.84
C ASP A 197 -4.49 26.62 -10.64
N LEU A 198 -5.54 25.81 -10.74
CA LEU A 198 -5.44 24.50 -11.35
C LEU A 198 -5.75 24.50 -12.84
N LYS A 199 -4.92 23.77 -13.60
CA LYS A 199 -5.21 23.49 -15.01
C LYS A 199 -5.71 22.06 -15.11
N HIS A 200 -6.41 21.74 -16.19
CA HIS A 200 -7.06 20.44 -16.28
C HIS A 200 -7.06 19.82 -17.67
N LEU A 201 -7.19 18.48 -17.69
CA LEU A 201 -7.60 17.75 -18.86
C LEU A 201 -8.97 17.18 -18.56
N SER A 202 -9.83 17.06 -19.59
CA SER A 202 -11.18 16.59 -19.37
C SER A 202 -11.66 15.62 -20.45
N ALA A 203 -12.70 14.88 -20.13
CA ALA A 203 -13.30 13.93 -21.06
C ALA A 203 -14.72 13.60 -20.63
N THR A 204 -15.49 13.02 -21.56
CA THR A 204 -16.84 12.59 -21.26
C THR A 204 -16.96 11.08 -21.35
N TYR A 205 -17.48 10.46 -20.29
CA TYR A 205 -17.66 9.02 -20.27
C TYR A 205 -19.15 8.68 -20.23
N ILE A 206 -19.58 7.80 -21.10
CA ILE A 206 -20.97 7.37 -21.14
C ILE A 206 -21.10 5.97 -20.55
N THR A 207 -21.89 5.85 -19.49
CA THR A 207 -22.02 4.59 -18.78
C THR A 207 -22.61 3.49 -19.66
N LYS A 208 -22.25 2.24 -19.34
CA LYS A 208 -22.54 1.10 -20.19
C LYS A 208 -24.03 0.77 -20.33
N TYR A 209 -24.76 0.81 -19.22
CA TYR A 209 -26.13 0.31 -19.20
C TYR A 209 -27.18 1.41 -19.25
N THR A 210 -27.02 2.43 -18.42
CA THR A 210 -28.01 3.52 -18.38
C THR A 210 -27.63 4.69 -19.28
N LYS A 211 -26.47 4.59 -19.93
CA LYS A 211 -26.00 5.58 -20.89
C LYS A 211 -25.91 6.98 -20.30
N LYS A 212 -25.48 7.07 -19.05
CA LYS A 212 -25.35 8.35 -18.35
C LYS A 212 -24.05 9.06 -18.73
N LYS A 213 -24.14 10.36 -19.00
CA LYS A 213 -22.96 11.16 -19.34
C LYS A 213 -22.22 11.61 -18.08
N VAL A 214 -20.97 11.22 -17.96
CA VAL A 214 -20.15 11.59 -16.82
C VAL A 214 -18.97 12.47 -17.25
N GLU A 215 -18.84 13.63 -16.63
CA GLU A 215 -17.73 14.53 -16.91
C GLU A 215 -16.53 14.16 -16.06
N LEU A 216 -15.41 13.89 -16.71
CA LEU A 216 -14.18 13.53 -16.01
C LEU A 216 -13.17 14.67 -16.08
N TYR A 217 -12.66 15.08 -14.93
CA TYR A 217 -11.65 16.14 -14.87
C TYR A 217 -10.44 15.71 -14.05
N VAL A 218 -9.25 15.98 -14.57
CA VAL A 218 -8.01 15.76 -13.82
C VAL A 218 -7.25 17.07 -13.68
N PHE A 219 -6.86 17.40 -12.45
CA PHE A 219 -6.27 18.70 -12.16
C PHE A 219 -4.83 18.59 -11.68
N SER A 220 -4.05 19.64 -11.98
CA SER A 220 -2.71 19.81 -11.45
C SER A 220 -2.31 21.28 -11.58
N GLU A 221 -1.19 21.67 -10.99
CA GLU A 221 -0.67 23.00 -11.19
C GLU A 221 -0.24 23.14 -12.65
N GLU A 222 -0.17 24.38 -13.13
CA GLU A 222 0.05 24.66 -14.54
C GLU A 222 1.33 24.06 -15.10
N LYS A 223 2.39 24.05 -14.29
CA LYS A 223 3.69 23.57 -14.72
C LYS A 223 3.66 22.10 -15.17
N TYR A 224 2.79 21.31 -14.56
CA TYR A 224 2.78 19.87 -14.82
C TYR A 224 1.49 19.39 -15.48
N VAL A 225 0.80 20.28 -16.20
CA VAL A 225 -0.46 19.92 -16.83
C VAL A 225 -0.25 18.89 -17.94
N SER A 226 0.97 18.84 -18.49
CA SER A 226 1.29 17.91 -19.56
C SER A 226 1.51 16.48 -19.06
N LYS A 227 1.38 16.28 -17.76
CA LYS A 227 1.61 14.97 -17.16
C LYS A 227 0.32 14.32 -16.68
N LEU A 228 -0.81 14.79 -17.20
CA LEU A 228 -2.12 14.37 -16.70
C LEU A 228 -2.81 13.30 -17.54
N GLN A 229 -2.32 13.06 -18.74
CA GLN A 229 -3.04 12.24 -19.71
C GLN A 229 -3.23 10.78 -19.28
N TRP A 230 -2.19 10.15 -18.76
CA TRP A 230 -2.26 8.74 -18.38
C TRP A 230 -3.29 8.51 -17.29
N ALA A 231 -3.36 9.45 -16.35
CA ALA A 231 -4.34 9.39 -15.26
C ALA A 231 -5.77 9.37 -15.79
N LEU A 232 -6.04 10.21 -16.79
CA LEU A 232 -7.36 10.27 -17.40
C LEU A 232 -7.72 8.95 -18.08
N GLU A 233 -6.74 8.37 -18.77
CA GLU A 233 -6.92 7.07 -19.40
C GLU A 233 -7.22 5.99 -18.36
N CYS A 234 -6.47 6.02 -17.26
CA CYS A 234 -6.66 5.06 -16.17
C CYS A 234 -8.05 5.17 -15.55
N LEU A 235 -8.56 6.40 -15.45
CA LEU A 235 -9.88 6.63 -14.88
C LEU A 235 -10.95 5.97 -15.76
N LYS A 236 -10.84 6.17 -17.08
CA LYS A 236 -11.75 5.55 -18.02
C LYS A 236 -11.69 4.03 -17.92
N LYS A 237 -10.47 3.50 -17.83
CA LYS A 237 -10.26 2.07 -17.69
C LYS A 237 -10.91 1.54 -16.42
N SER A 238 -10.81 2.32 -15.35
CA SER A 238 -11.37 1.94 -14.05
C SER A 238 -12.88 1.83 -14.11
N MET A 239 -13.51 2.85 -14.70
CA MET A 239 -14.96 2.87 -14.84
C MET A 239 -15.43 1.70 -15.68
N ALA A 240 -14.69 1.40 -16.74
CA ALA A 240 -15.02 0.31 -17.64
C ALA A 240 -14.98 -1.05 -16.93
N PHE A 241 -13.93 -1.27 -16.14
CA PHE A 241 -13.73 -2.55 -15.49
C PHE A 241 -14.83 -2.86 -14.47
N ASP A 242 -15.21 -1.85 -13.69
CA ASP A 242 -16.25 -2.05 -12.69
C ASP A 242 -17.59 -2.31 -13.37
N GLU A 243 -17.75 -1.75 -14.57
CA GLU A 243 -18.94 -2.01 -15.38
C GLU A 243 -18.90 -3.43 -15.95
N ASP A 244 -17.73 -3.84 -16.42
CA ASP A 244 -17.59 -5.12 -17.12
C ASP A 244 -17.50 -6.31 -16.16
N TYR A 245 -16.77 -6.15 -15.07
CA TYR A 245 -16.62 -7.24 -14.12
C TYR A 245 -17.75 -7.27 -13.10
N PHE A 246 -18.05 -6.13 -12.48
CA PHE A 246 -18.99 -6.10 -11.37
C PHE A 246 -20.37 -5.55 -11.77
N GLY A 247 -20.48 -5.01 -12.98
CA GLY A 247 -21.74 -4.47 -13.45
C GLY A 247 -22.14 -3.19 -12.72
N LEU A 248 -21.14 -2.45 -12.27
CA LEU A 248 -21.39 -1.23 -11.50
C LEU A 248 -21.09 0.03 -12.31
N GLU A 249 -22.05 0.96 -12.31
CA GLU A 249 -21.88 2.24 -12.99
C GLU A 249 -21.65 3.36 -11.99
N TYR A 250 -20.93 4.39 -12.44
CA TYR A 250 -20.74 5.59 -11.65
C TYR A 250 -22.07 6.35 -11.55
N ASP A 251 -22.38 6.87 -10.38
CA ASP A 251 -23.71 7.42 -10.12
C ASP A 251 -23.77 8.95 -10.12
N LEU A 252 -22.62 9.61 -10.21
CA LEU A 252 -22.60 11.08 -10.20
C LEU A 252 -22.36 11.65 -11.59
N SER A 253 -22.64 12.93 -11.74
CA SER A 253 -22.53 13.61 -13.02
C SER A 253 -21.10 13.99 -13.36
N ARG A 254 -20.24 14.06 -12.34
CA ARG A 254 -18.88 14.53 -12.53
C ARG A 254 -17.92 13.91 -11.51
N LEU A 255 -16.69 13.65 -11.95
CA LEU A 255 -15.65 13.15 -11.07
C LEU A 255 -14.36 13.93 -11.30
N ASN A 256 -13.81 14.49 -10.23
CA ASN A 256 -12.57 15.26 -10.31
C ASN A 256 -11.39 14.55 -9.65
N LEU A 257 -10.27 14.50 -10.36
CA LEU A 257 -9.02 14.02 -9.78
C LEU A 257 -8.06 15.21 -9.64
N VAL A 258 -7.49 15.39 -8.45
CA VAL A 258 -6.63 16.54 -8.19
C VAL A 258 -5.29 16.11 -7.60
N ALA A 259 -4.21 16.57 -8.22
CA ALA A 259 -2.86 16.27 -7.74
C ALA A 259 -2.30 17.41 -6.90
N VAL A 260 -1.76 17.06 -5.73
CA VAL A 260 -1.06 18.03 -4.89
C VAL A 260 0.33 17.51 -4.56
N SER A 261 1.25 18.42 -4.28
CA SER A 261 2.65 18.07 -4.07
C SER A 261 2.92 17.53 -2.67
N ASP A 262 2.18 18.03 -1.68
CA ASP A 262 2.36 17.61 -0.31
C ASP A 262 1.20 16.75 0.14
N PHE A 263 1.45 15.44 0.24
CA PHE A 263 0.42 14.49 0.62
C PHE A 263 1.04 13.36 1.43
N ASN A 264 0.37 12.96 2.52
CA ASN A 264 0.91 11.98 3.43
C ASN A 264 0.90 10.56 2.86
N VAL A 265 -0.10 10.26 2.02
CA VAL A 265 -0.22 8.94 1.43
C VAL A 265 -0.28 9.01 -0.10
N GLY A 266 -0.93 8.02 -0.70
CA GLY A 266 -1.07 7.96 -2.15
C GLY A 266 -2.23 8.79 -2.66
N ALA A 267 -3.44 8.53 -2.17
CA ALA A 267 -4.61 9.29 -2.58
C ALA A 267 -5.80 9.08 -1.66
N MET A 268 -6.83 9.90 -1.85
CA MET A 268 -8.02 9.88 -0.99
C MET A 268 -9.31 9.87 -1.83
N GLU A 269 -10.28 9.06 -1.41
CA GLU A 269 -11.45 8.79 -2.22
C GLU A 269 -12.66 9.71 -1.96
N ASN A 270 -12.40 10.96 -1.60
CA ASN A 270 -13.47 11.94 -1.37
C ASN A 270 -14.48 11.95 -2.52
N LYS A 271 -15.76 11.89 -2.18
CA LYS A 271 -16.82 11.69 -3.17
C LYS A 271 -16.84 12.78 -4.24
N GLY A 272 -16.62 12.37 -5.48
CA GLY A 272 -16.63 13.28 -6.60
C GLY A 272 -15.37 14.14 -6.69
N LEU A 273 -14.51 14.01 -5.69
CA LEU A 273 -13.33 14.86 -5.59
C LEU A 273 -12.14 14.10 -5.03
N ASN A 274 -11.62 13.15 -5.81
CA ASN A 274 -10.47 12.37 -5.38
C ASN A 274 -9.19 13.21 -5.40
N ILE A 275 -8.46 13.18 -4.30
CA ILE A 275 -7.24 13.97 -4.17
C ILE A 275 -6.02 13.05 -4.09
N PHE A 276 -5.00 13.36 -4.89
CA PHE A 276 -3.86 12.47 -5.06
C PHE A 276 -2.54 13.09 -4.63
N ASN A 277 -1.65 12.24 -4.11
CA ASN A 277 -0.23 12.56 -4.10
C ASN A 277 0.17 12.74 -5.56
N ALA A 278 0.92 13.79 -5.85
CA ALA A 278 1.32 14.08 -7.22
C ALA A 278 2.07 12.90 -7.86
N ASN A 279 2.83 12.17 -7.05
CA ASN A 279 3.60 11.03 -7.58
C ASN A 279 2.71 9.82 -7.89
N SER A 280 1.43 9.93 -7.59
CA SER A 280 0.49 8.85 -7.87
C SER A 280 -0.59 9.26 -8.85
N LEU A 281 -0.39 10.39 -9.53
CA LEU A 281 -1.34 10.84 -10.55
C LEU A 281 -0.62 11.40 -11.79
N LEU A 282 0.52 12.03 -11.58
CA LEU A 282 1.24 12.69 -12.66
C LEU A 282 2.36 11.84 -13.25
N ALA A 283 2.48 11.84 -14.57
CA ALA A 283 3.58 11.15 -15.25
C ALA A 283 3.72 11.57 -16.71
N SER A 284 4.95 11.50 -17.21
CA SER A 284 5.24 11.62 -18.62
C SER A 284 6.46 10.74 -18.91
N LYS A 285 6.56 10.24 -20.12
CA LYS A 285 7.60 9.27 -20.45
C LYS A 285 9.00 9.88 -20.38
N LYS A 286 9.08 11.19 -20.55
CA LYS A 286 10.35 11.90 -20.47
C LYS A 286 10.77 12.17 -19.02
N ASN A 287 9.78 12.34 -18.14
CA ASN A 287 10.05 12.79 -16.78
C ASN A 287 9.67 11.82 -15.67
N SER A 288 9.37 10.57 -16.02
CA SER A 288 8.96 9.59 -15.02
C SER A 288 9.58 8.22 -15.26
N ILE A 289 9.86 7.50 -14.17
CA ILE A 289 10.31 6.12 -14.28
C ILE A 289 9.12 5.23 -14.60
N ASP A 290 9.40 4.02 -15.06
CA ASP A 290 8.36 3.09 -15.53
C ASP A 290 7.31 2.80 -14.46
N PHE A 291 7.74 2.75 -13.20
CA PHE A 291 6.85 2.35 -12.12
C PHE A 291 5.70 3.33 -11.88
N SER A 292 5.89 4.58 -12.29
CA SER A 292 4.84 5.59 -12.13
C SER A 292 3.55 5.20 -12.85
N TYR A 293 3.69 4.48 -13.96
CA TYR A 293 2.54 4.12 -14.77
C TYR A 293 1.73 3.00 -14.14
N ALA A 294 2.40 2.04 -13.51
CA ALA A 294 1.70 1.03 -12.73
C ALA A 294 1.10 1.66 -11.48
N ARG A 295 1.86 2.57 -10.87
CA ARG A 295 1.44 3.27 -9.67
C ARG A 295 0.15 4.06 -9.89
N ILE A 296 0.12 4.86 -10.95
CA ILE A 296 -1.04 5.70 -11.25
C ILE A 296 -2.27 4.85 -11.57
N LEU A 297 -2.09 3.81 -12.37
CA LEU A 297 -3.18 2.90 -12.70
C LEU A 297 -3.81 2.29 -11.46
N THR A 298 -2.97 1.82 -10.55
CA THR A 298 -3.45 1.19 -9.32
CA THR A 298 -3.42 1.19 -9.31
C THR A 298 -4.12 2.19 -8.38
N VAL A 299 -3.52 3.36 -8.21
CA VAL A 299 -4.05 4.34 -7.27
C VAL A 299 -5.33 4.98 -7.79
N VAL A 300 -5.36 5.34 -9.07
CA VAL A 300 -6.59 5.88 -9.67
C VAL A 300 -7.69 4.84 -9.60
N GLY A 301 -7.37 3.60 -9.96
CA GLY A 301 -8.31 2.51 -9.88
C GLY A 301 -8.81 2.33 -8.45
N HIS A 302 -7.88 2.27 -7.51
CA HIS A 302 -8.20 2.14 -6.09
C HIS A 302 -9.23 3.16 -5.62
N GLU A 303 -8.96 4.44 -5.86
CA GLU A 303 -9.86 5.49 -5.41
C GLU A 303 -11.22 5.41 -6.10
N TYR A 304 -11.24 4.99 -7.36
CA TYR A 304 -12.50 4.88 -8.07
C TYR A 304 -13.37 3.76 -7.52
N PHE A 305 -12.76 2.60 -7.26
CA PHE A 305 -13.51 1.44 -6.78
C PHE A 305 -14.09 1.69 -5.39
N HIS A 306 -13.49 2.63 -4.67
CA HIS A 306 -14.02 3.07 -3.37
C HIS A 306 -15.43 3.65 -3.46
N GLN A 307 -15.80 4.15 -4.64
CA GLN A 307 -17.10 4.78 -4.83
C GLN A 307 -18.23 3.86 -4.41
N TYR A 308 -18.07 2.57 -4.66
CA TYR A 308 -19.01 1.58 -4.15
C TYR A 308 -18.56 1.00 -2.82
N THR A 309 -17.37 0.43 -2.79
CA THR A 309 -16.85 -0.19 -1.58
C THR A 309 -16.13 0.84 -0.71
N GLY A 310 -16.91 1.64 0.00
CA GLY A 310 -16.38 2.69 0.84
C GLY A 310 -17.28 3.91 0.88
N ASN A 311 -17.75 4.34 -0.29
CA ASN A 311 -18.53 5.56 -0.39
C ASN A 311 -20.04 5.33 -0.43
N ARG A 312 -20.49 4.39 -1.25
CA ARG A 312 -21.92 4.07 -1.32
C ARG A 312 -22.28 3.09 -0.21
N VAL A 313 -21.40 2.11 0.04
CA VAL A 313 -21.47 1.30 1.24
C VAL A 313 -20.32 1.71 2.15
N THR A 314 -20.64 2.30 3.29
CA THR A 314 -19.63 2.87 4.19
CA THR A 314 -19.60 2.84 4.17
C THR A 314 -19.41 2.02 5.43
N LEU A 315 -18.56 2.50 6.33
CA LEU A 315 -18.22 1.81 7.56
C LEU A 315 -19.07 2.27 8.74
N ARG A 316 -19.47 1.31 9.59
CA ARG A 316 -20.16 1.64 10.83
C ARG A 316 -19.21 2.31 11.80
N ASP A 317 -17.97 1.81 11.81
CA ASP A 317 -16.92 2.33 12.69
C ASP A 317 -15.56 2.00 12.11
N TRP A 318 -14.51 2.57 12.69
CA TRP A 318 -13.17 2.43 12.10
C TRP A 318 -12.56 1.04 12.26
N PHE A 319 -13.14 0.22 13.12
CA PHE A 319 -12.66 -1.16 13.27
C PHE A 319 -12.99 -1.97 12.02
N GLN A 320 -13.95 -1.48 11.24
CA GLN A 320 -14.37 -2.17 10.02
C GLN A 320 -13.55 -1.71 8.81
N LEU A 321 -12.43 -1.05 9.06
CA LEU A 321 -11.64 -0.42 7.99
C LEU A 321 -11.30 -1.37 6.84
N THR A 322 -10.97 -2.61 7.16
CA THR A 322 -10.57 -3.58 6.14
C THR A 322 -11.73 -3.92 5.21
N LEU A 323 -12.96 -3.69 5.65
CA LEU A 323 -14.12 -3.93 4.81
C LEU A 323 -14.11 -3.04 3.58
N LYS A 324 -13.60 -1.81 3.72
CA LYS A 324 -13.52 -0.94 2.55
C LYS A 324 -12.11 -0.91 1.97
N GLU A 325 -11.09 -1.10 2.81
CA GLU A 325 -9.73 -1.04 2.30
C GLU A 325 -9.23 -2.37 1.73
N GLY A 326 -9.43 -3.45 2.48
CA GLY A 326 -9.07 -4.76 1.99
C GLY A 326 -9.83 -5.09 0.72
N LEU A 327 -11.13 -4.78 0.72
CA LEU A 327 -11.99 -5.08 -0.42
C LEU A 327 -11.65 -4.24 -1.64
N THR A 328 -11.23 -2.99 -1.42
CA THR A 328 -10.92 -2.10 -2.52
C THR A 328 -9.56 -2.44 -3.14
N VAL A 329 -8.60 -2.79 -2.30
CA VAL A 329 -7.30 -3.23 -2.79
C VAL A 329 -7.49 -4.49 -3.64
N HIS A 330 -8.36 -5.37 -3.18
CA HIS A 330 -8.73 -6.58 -3.91
C HIS A 330 -9.29 -6.23 -5.29
N ARG A 331 -10.25 -5.32 -5.31
CA ARG A 331 -10.82 -4.85 -6.58
C ARG A 331 -9.77 -4.14 -7.42
N GLU A 332 -8.88 -3.43 -6.75
CA GLU A 332 -7.75 -2.77 -7.42
C GLU A 332 -6.81 -3.79 -8.06
N ASN A 333 -6.56 -4.89 -7.36
CA ASN A 333 -5.66 -5.92 -7.87
C ASN A 333 -6.25 -6.68 -9.05
N LEU A 334 -7.55 -6.97 -8.99
CA LEU A 334 -8.26 -7.61 -10.09
C LEU A 334 -8.18 -6.74 -11.33
N PHE A 335 -8.37 -5.44 -11.11
CA PHE A 335 -8.27 -4.42 -12.15
C PHE A 335 -6.90 -4.41 -12.82
N SER A 336 -5.85 -4.30 -12.01
CA SER A 336 -4.49 -4.20 -12.53
C SER A 336 -4.06 -5.46 -13.27
N GLU A 337 -4.43 -6.63 -12.75
CA GLU A 337 -4.12 -7.89 -13.41
C GLU A 337 -4.76 -7.94 -14.80
N GLU A 338 -5.98 -7.44 -14.90
CA GLU A 338 -6.71 -7.43 -16.16
C GLU A 338 -6.11 -6.44 -17.16
N MET A 339 -5.61 -5.32 -16.65
CA MET A 339 -5.08 -4.26 -17.51
C MET A 339 -3.66 -4.52 -18.00
N THR A 340 -2.84 -5.10 -17.13
CA THR A 340 -1.42 -5.32 -17.45
C THR A 340 -1.20 -6.58 -18.27
N LYS A 341 -2.05 -7.59 -18.06
CA LYS A 341 -1.96 -8.87 -18.77
C LYS A 341 -0.59 -9.52 -18.63
N THR A 342 0.05 -9.30 -17.50
CA THR A 342 1.34 -9.93 -17.21
C THR A 342 1.29 -10.61 -15.84
N VAL A 343 2.00 -11.73 -15.70
CA VAL A 343 1.95 -12.51 -14.47
C VAL A 343 2.67 -11.85 -13.31
N THR A 344 3.54 -10.88 -13.61
CA THR A 344 4.34 -10.23 -12.59
C THR A 344 3.51 -9.28 -11.74
N THR A 345 2.33 -8.92 -12.22
CA THR A 345 1.42 -8.08 -11.46
C THR A 345 1.00 -8.79 -10.17
N ARG A 346 0.49 -10.01 -10.33
CA ARG A 346 0.12 -10.83 -9.18
C ARG A 346 1.34 -11.16 -8.32
N LEU A 347 2.46 -11.48 -8.97
CA LEU A 347 3.68 -11.83 -8.26
C LEU A 347 4.17 -10.69 -7.40
N SER A 348 4.04 -9.46 -7.90
CA SER A 348 4.49 -8.29 -7.17
C SER A 348 3.69 -8.08 -5.88
N HIS A 349 2.41 -8.39 -5.92
CA HIS A 349 1.56 -8.26 -4.74
CA HIS A 349 1.54 -8.28 -4.75
C HIS A 349 1.90 -9.31 -3.70
N VAL A 350 2.20 -10.53 -4.17
CA VAL A 350 2.61 -11.60 -3.27
C VAL A 350 3.96 -11.26 -2.64
N ASP A 351 4.84 -10.69 -3.46
CA ASP A 351 6.17 -10.30 -3.02
C ASP A 351 6.10 -9.25 -1.90
N LEU A 352 5.20 -8.28 -2.06
CA LEU A 352 5.02 -7.25 -1.05
C LEU A 352 4.43 -7.81 0.24
N LEU A 353 3.41 -8.66 0.11
CA LEU A 353 2.76 -9.25 1.27
C LEU A 353 3.74 -10.10 2.09
N ARG A 354 4.46 -10.99 1.42
CA ARG A 354 5.31 -11.95 2.11
C ARG A 354 6.58 -11.33 2.66
N SER A 355 6.93 -10.14 2.19
CA SER A 355 8.10 -9.43 2.70
C SER A 355 7.71 -8.43 3.78
N VAL A 356 6.82 -7.51 3.43
CA VAL A 356 6.46 -6.41 4.33
C VAL A 356 5.40 -6.81 5.37
N GLN A 357 4.32 -7.43 4.91
CA GLN A 357 3.20 -7.74 5.81
C GLN A 357 3.53 -8.92 6.73
N PHE A 358 4.27 -9.91 6.22
CA PHE A 358 4.66 -11.05 7.04
C PHE A 358 5.58 -10.59 8.17
N LEU A 359 6.43 -9.61 7.89
CA LEU A 359 7.30 -9.01 8.89
C LEU A 359 6.44 -8.37 9.98
N GLU A 360 5.47 -7.57 9.58
CA GLU A 360 4.56 -6.92 10.53
C GLU A 360 3.81 -7.96 11.34
N ASP A 361 3.41 -9.05 10.69
CA ASP A 361 2.57 -10.05 11.35
C ASP A 361 3.33 -10.85 12.40
N SER A 362 4.66 -10.84 12.33
CA SER A 362 5.47 -11.55 13.32
C SER A 362 6.21 -10.58 14.25
N SER A 363 5.89 -9.30 14.12
CA SER A 363 6.47 -8.25 14.94
C SER A 363 5.59 -7.99 16.15
N PRO A 364 6.07 -7.21 17.13
CA PRO A 364 5.20 -6.83 18.25
C PRO A 364 4.00 -5.99 17.83
N LEU A 365 4.01 -5.47 16.59
CA LEU A 365 2.91 -4.67 16.09
C LEU A 365 1.81 -5.53 15.49
N SER A 366 1.99 -6.85 15.54
CA SER A 366 1.07 -7.80 14.93
C SER A 366 -0.38 -7.60 15.39
N HIS A 367 -1.30 -7.60 14.43
CA HIS A 367 -2.72 -7.43 14.71
C HIS A 367 -3.55 -8.12 13.63
N PRO A 368 -4.81 -8.46 13.95
CA PRO A 368 -5.69 -8.99 12.90
C PRO A 368 -6.18 -7.87 11.99
N ILE A 369 -6.77 -8.23 10.85
CA ILE A 369 -7.22 -7.22 9.89
C ILE A 369 -8.40 -6.42 10.45
N ARG A 370 -9.06 -6.95 11.47
CA ARG A 370 -10.01 -6.18 12.26
C ARG A 370 -9.57 -6.21 13.72
N PRO A 371 -8.78 -5.21 14.14
CA PRO A 371 -8.25 -5.12 15.51
C PRO A 371 -9.34 -4.98 16.56
N GLU A 372 -9.03 -5.39 17.78
CA GLU A 372 -9.99 -5.33 18.87
C GLU A 372 -9.90 -4.02 19.63
N SER A 373 -8.81 -3.28 19.40
CA SER A 373 -8.60 -2.01 20.09
C SER A 373 -7.59 -1.11 19.38
N TYR A 374 -7.63 0.18 19.70
CA TYR A 374 -6.65 1.13 19.20
C TYR A 374 -6.54 2.35 20.11
N VAL A 375 -5.39 3.00 20.07
CA VAL A 375 -5.20 4.29 20.73
C VAL A 375 -5.13 5.37 19.68
N SER A 376 -4.38 5.09 18.62
CA SER A 376 -4.25 6.00 17.49
C SER A 376 -4.73 5.34 16.20
N MET A 377 -5.90 5.75 15.73
CA MET A 377 -6.46 5.21 14.50
C MET A 377 -5.60 5.59 13.30
N GLU A 378 -4.74 6.59 13.50
CA GLU A 378 -3.78 6.98 12.48
C GLU A 378 -2.66 5.95 12.34
N ASN A 379 -2.62 5.01 13.29
CA ASN A 379 -1.64 3.93 13.25
C ASN A 379 -2.30 2.60 12.89
N PHE A 380 -3.48 2.74 12.28
N PHE A 380 -3.48 2.60 12.31
CA PHE A 380 -4.42 1.66 11.96
CA PHE A 380 -4.04 1.32 11.89
C PHE A 380 -4.31 1.22 10.50
C PHE A 380 -4.52 1.31 10.46
N TYR A 381 -3.91 2.17 9.65
CA TYR A 381 -3.93 1.99 8.21
C TYR A 381 -2.64 1.27 7.83
N THR A 382 -2.67 -0.05 7.94
CA THR A 382 -1.46 -0.86 7.86
C THR A 382 -1.48 -1.81 6.68
N THR A 383 -0.31 -2.36 6.36
CA THR A 383 -0.20 -3.36 5.31
C THR A 383 -1.00 -4.62 5.68
N THR A 384 -1.22 -4.83 6.98
CA THR A 384 -2.06 -5.93 7.43
C THR A 384 -3.51 -5.70 7.02
N VAL A 385 -4.03 -4.54 7.40
CA VAL A 385 -5.42 -4.19 7.07
C VAL A 385 -5.65 -4.12 5.57
N TYR A 386 -4.69 -3.54 4.86
CA TYR A 386 -4.80 -3.36 3.41
C TYR A 386 -4.50 -4.62 2.61
N ASP A 387 -3.30 -5.17 2.81
CA ASP A 387 -2.81 -6.22 1.92
C ASP A 387 -3.21 -7.62 2.36
N LYS A 388 -3.15 -7.92 3.65
CA LYS A 388 -3.70 -9.18 4.13
C LYS A 388 -5.21 -9.16 3.99
N GLY A 389 -5.80 -7.99 4.25
CA GLY A 389 -7.22 -7.80 4.05
C GLY A 389 -7.62 -8.11 2.62
N SER A 390 -6.81 -7.67 1.67
CA SER A 390 -7.08 -7.91 0.26
CA SER A 390 -7.06 -7.92 0.25
C SER A 390 -6.99 -9.40 -0.06
N GLU A 391 -6.07 -10.10 0.57
CA GLU A 391 -5.90 -11.54 0.36
C GLU A 391 -7.08 -12.30 0.98
N VAL A 392 -7.58 -11.81 2.10
CA VAL A 392 -8.74 -12.43 2.74
C VAL A 392 -9.98 -12.23 1.87
N MET A 393 -10.08 -11.06 1.26
CA MET A 393 -11.18 -10.77 0.34
C MET A 393 -11.05 -11.58 -0.93
N ARG A 394 -9.81 -11.78 -1.38
CA ARG A 394 -9.54 -12.55 -2.60
C ARG A 394 -9.88 -14.03 -2.43
N MET A 395 -9.70 -14.54 -1.21
CA MET A 395 -9.97 -15.95 -0.95
C MET A 395 -11.44 -16.29 -1.16
N TYR A 396 -12.33 -15.34 -0.90
CA TYR A 396 -13.75 -15.51 -1.20
C TYR A 396 -13.94 -15.92 -2.65
N LEU A 397 -13.25 -15.21 -3.55
CA LEU A 397 -13.30 -15.48 -4.98
C LEU A 397 -12.75 -16.86 -5.32
N THR A 398 -11.64 -17.23 -4.71
CA THR A 398 -11.01 -18.52 -4.92
C THR A 398 -11.95 -19.66 -4.50
N ILE A 399 -12.62 -19.47 -3.38
CA ILE A 399 -13.53 -20.48 -2.83
C ILE A 399 -14.82 -20.60 -3.64
N LEU A 400 -15.35 -19.48 -4.09
CA LEU A 400 -16.65 -19.45 -4.75
C LEU A 400 -16.55 -19.62 -6.27
N GLY A 401 -15.43 -19.23 -6.84
CA GLY A 401 -15.31 -19.15 -8.28
C GLY A 401 -15.90 -17.83 -8.76
N GLU A 402 -15.52 -17.41 -9.96
CA GLU A 402 -15.91 -16.10 -10.47
C GLU A 402 -17.42 -15.88 -10.53
N GLU A 403 -18.15 -16.90 -10.97
CA GLU A 403 -19.60 -16.77 -11.15
C GLU A 403 -20.32 -16.53 -9.83
N TYR A 404 -20.07 -17.38 -8.84
CA TYR A 404 -20.75 -17.28 -7.56
C TYR A 404 -20.20 -16.14 -6.69
N TYR A 405 -18.94 -15.76 -6.93
CA TYR A 405 -18.38 -14.62 -6.21
C TYR A 405 -19.11 -13.34 -6.64
N LYS A 406 -19.28 -13.17 -7.95
CA LYS A 406 -19.99 -12.02 -8.48
C LYS A 406 -21.42 -11.97 -7.96
N LYS A 407 -22.02 -13.13 -7.77
CA LYS A 407 -23.35 -13.22 -7.19
C LYS A 407 -23.33 -12.73 -5.75
N GLY A 408 -22.34 -13.20 -5.00
CA GLY A 408 -22.18 -12.82 -3.61
C GLY A 408 -21.89 -11.33 -3.45
N PHE A 409 -21.01 -10.80 -4.29
CA PHE A 409 -20.65 -9.39 -4.25
C PHE A 409 -21.86 -8.52 -4.56
N ASP A 410 -22.69 -8.99 -5.48
CA ASP A 410 -23.89 -8.26 -5.88
C ASP A 410 -24.90 -8.19 -4.73
N ILE A 411 -25.03 -9.29 -4.00
CA ILE A 411 -25.89 -9.34 -2.82
C ILE A 411 -25.43 -8.28 -1.81
N TYR A 412 -24.13 -8.22 -1.59
CA TYR A 412 -23.54 -7.27 -0.64
C TYR A 412 -23.87 -5.83 -1.00
N ILE A 413 -23.66 -5.47 -2.26
CA ILE A 413 -23.90 -4.11 -2.72
C ILE A 413 -25.39 -3.74 -2.63
N LYS A 414 -26.24 -4.62 -3.16
CA LYS A 414 -27.67 -4.35 -3.20
C LYS A 414 -28.29 -4.26 -1.80
N LYS A 415 -27.78 -5.07 -0.87
CA LYS A 415 -28.34 -5.13 0.47
C LYS A 415 -27.87 -3.98 1.35
N ASN A 416 -26.68 -3.44 1.06
CA ASN A 416 -26.07 -2.45 1.94
C ASN A 416 -25.85 -1.08 1.31
N ASP A 417 -26.27 -0.93 0.05
CA ASP A 417 -26.10 0.34 -0.64
C ASP A 417 -26.76 1.49 0.10
N GLY A 418 -26.00 2.56 0.33
CA GLY A 418 -26.52 3.73 1.02
C GLY A 418 -26.55 3.57 2.52
N ASN A 419 -25.87 2.56 3.03
CA ASN A 419 -25.85 2.27 4.45
C ASN A 419 -24.44 2.05 5.01
N THR A 420 -24.34 2.01 6.34
CA THR A 420 -23.12 1.58 6.99
C THR A 420 -23.09 0.05 6.99
N ALA A 421 -21.91 -0.53 7.08
CA ALA A 421 -21.80 -1.99 7.09
C ALA A 421 -20.63 -2.46 7.93
N THR A 422 -20.65 -3.74 8.28
CA THR A 422 -19.57 -4.36 9.03
C THR A 422 -19.02 -5.55 8.26
N CYS A 423 -17.92 -6.11 8.75
CA CYS A 423 -17.30 -7.27 8.10
C CYS A 423 -18.25 -8.46 8.07
N GLU A 424 -19.11 -8.56 9.07
CA GLU A 424 -20.11 -9.62 9.13
C GLU A 424 -21.10 -9.53 7.98
N ASP A 425 -21.41 -8.31 7.56
CA ASP A 425 -22.33 -8.09 6.45
C ASP A 425 -21.79 -8.69 5.15
N PHE A 426 -20.50 -8.55 4.92
CA PHE A 426 -19.88 -9.06 3.71
C PHE A 426 -19.80 -10.58 3.72
N ASN A 427 -19.39 -11.14 4.86
CA ASN A 427 -19.28 -12.59 5.00
C ASN A 427 -20.64 -13.25 4.83
N TYR A 428 -21.68 -12.60 5.34
CA TYR A 428 -23.05 -13.08 5.19
C TYR A 428 -23.45 -13.17 3.72
N ALA A 429 -23.14 -12.11 2.98
CA ALA A 429 -23.44 -12.07 1.55
C ALA A 429 -22.69 -13.16 0.80
N MET A 430 -21.44 -13.37 1.18
CA MET A 430 -20.63 -14.44 0.59
C MET A 430 -21.17 -15.81 0.98
N GLU A 431 -21.71 -15.91 2.19
CA GLU A 431 -22.25 -17.17 2.69
C GLU A 431 -23.49 -17.58 1.89
N GLN A 432 -24.24 -16.60 1.42
CA GLN A 432 -25.43 -16.86 0.62
C GLN A 432 -25.06 -17.53 -0.69
N ALA A 433 -24.01 -17.02 -1.33
CA ALA A 433 -23.51 -17.59 -2.58
C ALA A 433 -22.88 -18.96 -2.32
N TYR A 434 -22.30 -19.12 -1.14
CA TYR A 434 -21.69 -20.38 -0.74
C TYR A 434 -22.74 -21.47 -0.62
N LYS A 435 -23.90 -21.10 -0.09
CA LYS A 435 -25.03 -22.03 0.03
C LYS A 435 -25.54 -22.44 -1.35
N MET A 436 -25.60 -21.46 -2.25
CA MET A 436 -26.03 -21.73 -3.63
C MET A 436 -25.05 -22.66 -4.33
N LYS A 437 -23.77 -22.37 -4.19
CA LYS A 437 -22.72 -23.15 -4.82
C LYS A 437 -22.65 -24.58 -4.26
N LYS A 438 -22.78 -24.69 -2.94
CA LYS A 438 -22.71 -25.99 -2.28
C LYS A 438 -24.04 -26.74 -2.39
N ALA A 439 -25.07 -26.04 -2.88
CA ALA A 439 -26.40 -26.61 -3.11
C ALA A 439 -27.03 -27.19 -1.84
N ASP A 440 -26.84 -26.50 -0.71
CA ASP A 440 -27.54 -26.83 0.53
C ASP A 440 -27.47 -25.66 1.51
N ASN A 441 -28.59 -25.38 2.17
CA ASN A 441 -28.70 -24.22 3.06
C ASN A 441 -28.04 -24.45 4.42
N SER A 442 -27.35 -25.57 4.57
CA SER A 442 -26.68 -25.88 5.83
C SER A 442 -25.23 -25.41 5.82
N ALA A 443 -24.68 -25.24 4.63
CA ALA A 443 -23.31 -24.77 4.48
C ALA A 443 -23.17 -23.33 4.98
N ASN A 444 -22.08 -23.05 5.70
CA ASN A 444 -21.87 -21.73 6.27
C ASN A 444 -20.40 -21.31 6.23
N LEU A 445 -20.16 -20.04 6.54
CA LEU A 445 -18.81 -19.49 6.55
C LEU A 445 -18.46 -18.91 7.92
N ASN A 446 -18.98 -19.52 8.98
CA ASN A 446 -18.73 -19.06 10.34
C ASN A 446 -17.25 -19.11 10.70
N GLN A 447 -16.58 -20.18 10.28
CA GLN A 447 -15.15 -20.33 10.55
C GLN A 447 -14.34 -19.26 9.82
N TYR A 448 -14.85 -18.78 8.70
CA TYR A 448 -14.11 -17.82 7.88
C TYR A 448 -13.92 -16.49 8.61
N LEU A 449 -14.79 -16.20 9.56
CA LEU A 449 -14.71 -14.95 10.32
C LEU A 449 -13.43 -14.88 11.14
N LEU A 450 -12.79 -16.03 11.38
CA LEU A 450 -11.53 -16.06 12.11
C LEU A 450 -10.42 -15.36 11.34
N TRP A 451 -10.58 -15.27 10.02
CA TRP A 451 -9.61 -14.53 9.20
C TRP A 451 -9.60 -13.05 9.58
N PHE A 452 -10.70 -12.56 10.14
CA PHE A 452 -10.82 -11.17 10.53
C PHE A 452 -10.29 -10.90 11.93
N SER A 453 -10.41 -11.90 12.81
CA SER A 453 -10.12 -11.71 14.22
C SER A 453 -8.77 -12.28 14.68
N GLN A 454 -8.23 -13.24 13.93
CA GLN A 454 -7.00 -13.90 14.34
C GLN A 454 -5.77 -13.31 13.66
N SER A 455 -4.78 -12.93 14.46
CA SER A 455 -3.54 -12.38 13.93
C SER A 455 -2.51 -13.48 13.69
N GLY A 456 -1.40 -13.10 13.04
CA GLY A 456 -0.32 -14.04 12.78
C GLY A 456 -0.47 -14.71 11.42
N THR A 457 0.65 -15.15 10.87
CA THR A 457 0.65 -15.86 9.59
C THR A 457 0.60 -17.36 9.80
N PRO A 458 -0.43 -18.01 9.25
CA PRO A 458 -0.55 -19.47 9.34
C PRO A 458 0.59 -20.18 8.61
N HIS A 459 1.10 -21.27 9.20
CA HIS A 459 2.07 -22.12 8.53
C HIS A 459 1.37 -23.37 8.00
N VAL A 460 1.51 -23.63 6.70
CA VAL A 460 0.89 -24.81 6.11
C VAL A 460 1.96 -25.75 5.56
N SER A 461 2.04 -26.95 6.13
CA SER A 461 3.04 -27.94 5.76
C SER A 461 2.41 -29.17 5.12
N PHE A 462 3.22 -29.93 4.38
CA PHE A 462 2.71 -31.05 3.59
C PHE A 462 3.50 -32.33 3.77
N LYS A 463 2.79 -33.45 3.63
CA LYS A 463 3.39 -34.77 3.52
C LYS A 463 2.73 -35.50 2.36
N TYR A 464 3.52 -36.27 1.60
CA TYR A 464 2.98 -36.92 0.42
C TYR A 464 3.17 -38.43 0.44
N ASN A 465 2.24 -39.13 -0.21
CA ASN A 465 2.34 -40.57 -0.36
CA ASN A 465 2.31 -40.58 -0.34
C ASN A 465 1.68 -41.05 -1.65
N TYR A 466 2.38 -41.92 -2.37
CA TYR A 466 1.85 -42.46 -3.62
C TYR A 466 1.98 -43.98 -3.66
N ASP A 467 0.88 -44.67 -3.92
CA ASP A 467 0.90 -46.11 -4.05
C ASP A 467 0.76 -46.47 -5.53
N ALA A 468 1.87 -46.91 -6.13
CA ALA A 468 1.93 -47.19 -7.55
C ALA A 468 0.96 -48.29 -7.96
N GLU A 469 0.66 -49.20 -7.03
CA GLU A 469 -0.21 -50.32 -7.31
C GLU A 469 -1.66 -49.90 -7.53
N LYS A 470 -2.19 -49.06 -6.64
CA LYS A 470 -3.58 -48.65 -6.76
C LYS A 470 -3.73 -47.30 -7.46
N LYS A 471 -2.63 -46.77 -7.97
CA LYS A 471 -2.61 -45.46 -8.64
C LYS A 471 -3.26 -44.41 -7.75
N GLN A 472 -2.92 -44.44 -6.46
CA GLN A 472 -3.56 -43.60 -5.47
C GLN A 472 -2.56 -42.63 -4.84
N TYR A 473 -2.92 -41.36 -4.83
CA TYR A 473 -2.04 -40.31 -4.34
C TYR A 473 -2.72 -39.51 -3.23
N SER A 474 -2.02 -39.31 -2.12
CA SER A 474 -2.58 -38.54 -1.02
C SER A 474 -1.69 -37.37 -0.62
N ILE A 475 -2.33 -36.27 -0.22
CA ILE A 475 -1.62 -35.11 0.30
C ILE A 475 -2.06 -34.84 1.73
N HIS A 476 -1.17 -35.06 2.69
CA HIS A 476 -1.49 -34.77 4.08
C HIS A 476 -1.10 -33.34 4.40
N VAL A 477 -2.08 -32.55 4.85
CA VAL A 477 -1.88 -31.13 5.06
C VAL A 477 -2.05 -30.76 6.53
N ASN A 478 -1.18 -29.88 7.02
CA ASN A 478 -1.25 -29.40 8.39
C ASN A 478 -1.17 -27.88 8.43
N GLN A 479 -1.98 -27.26 9.29
CA GLN A 479 -1.92 -25.81 9.46
C GLN A 479 -1.60 -25.44 10.90
N TYR A 480 -0.90 -24.33 11.07
CA TYR A 480 -0.43 -23.90 12.38
C TYR A 480 -0.13 -22.40 12.41
N THR A 481 -0.71 -21.70 13.38
CA THR A 481 -0.39 -20.30 13.63
C THR A 481 0.24 -20.17 15.00
N LYS A 482 1.40 -19.52 15.06
CA LYS A 482 2.09 -19.30 16.32
C LYS A 482 1.26 -18.43 17.25
N PRO A 483 1.16 -18.82 18.53
CA PRO A 483 0.52 -17.99 19.55
C PRO A 483 1.23 -16.64 19.68
N ASP A 484 0.47 -15.57 19.90
CA ASP A 484 1.06 -14.25 20.09
C ASP A 484 0.34 -13.50 21.21
N GLU A 485 0.54 -12.19 21.26
CA GLU A 485 -0.04 -11.38 22.33
C GLU A 485 -1.54 -11.19 22.14
N ASN A 486 -2.03 -11.52 20.94
CA ASN A 486 -3.45 -11.34 20.64
C ASN A 486 -4.29 -12.57 20.99
N GLN A 487 -3.79 -13.75 20.61
CA GLN A 487 -4.46 -15.00 20.96
C GLN A 487 -3.47 -16.01 21.53
N LYS A 488 -3.74 -16.44 22.76
CA LYS A 488 -2.91 -17.47 23.39
C LYS A 488 -3.07 -18.79 22.65
N GLU A 489 -4.31 -19.16 22.37
CA GLU A 489 -4.61 -20.36 21.60
C GLU A 489 -5.16 -19.99 20.23
N LYS A 490 -4.49 -20.47 19.19
CA LYS A 490 -4.93 -20.20 17.82
C LYS A 490 -5.86 -21.29 17.33
N LYS A 491 -6.83 -20.91 16.50
CA LYS A 491 -7.79 -21.86 15.95
C LYS A 491 -7.50 -22.13 14.48
N PRO A 492 -7.89 -23.31 13.99
CA PRO A 492 -7.72 -23.62 12.56
C PRO A 492 -8.55 -22.68 11.67
N LEU A 493 -7.99 -22.27 10.55
CA LEU A 493 -8.67 -21.37 9.63
C LEU A 493 -9.25 -22.14 8.46
N PHE A 494 -10.16 -21.51 7.74
CA PHE A 494 -10.64 -22.07 6.48
C PHE A 494 -9.66 -21.66 5.40
N ILE A 495 -8.81 -22.61 4.99
CA ILE A 495 -7.76 -22.33 4.04
C ILE A 495 -8.00 -23.03 2.70
N PRO A 496 -8.24 -22.23 1.64
CA PRO A 496 -8.40 -22.76 0.29
C PRO A 496 -7.05 -23.02 -0.37
N ILE A 497 -6.82 -24.24 -0.82
CA ILE A 497 -5.55 -24.60 -1.43
C ILE A 497 -5.74 -25.03 -2.88
N SER A 498 -5.54 -24.07 -3.79
CA SER A 498 -5.59 -24.36 -5.22
C SER A 498 -4.41 -25.25 -5.59
N VAL A 499 -4.72 -26.42 -6.12
CA VAL A 499 -3.67 -27.40 -6.42
C VAL A 499 -3.74 -27.96 -7.83
N GLY A 500 -2.58 -28.35 -8.34
CA GLY A 500 -2.49 -29.10 -9.57
C GLY A 500 -1.53 -30.25 -9.34
N LEU A 501 -1.58 -31.27 -10.20
CA LEU A 501 -0.66 -32.38 -10.11
C LEU A 501 0.09 -32.54 -11.42
N ILE A 502 1.40 -32.35 -11.37
CA ILE A 502 2.24 -32.39 -12.57
C ILE A 502 2.88 -33.75 -12.76
N ASN A 503 2.69 -34.33 -13.95
CA ASN A 503 3.40 -35.53 -14.34
C ASN A 503 4.85 -35.16 -14.65
N PRO A 504 5.79 -35.63 -13.82
CA PRO A 504 7.20 -35.25 -13.94
C PRO A 504 7.87 -35.82 -15.20
N GLU A 505 7.19 -36.74 -15.89
CA GLU A 505 7.76 -37.38 -17.06
C GLU A 505 7.48 -36.61 -18.34
N ASN A 506 6.37 -35.88 -18.39
CA ASN A 506 6.02 -35.11 -19.58
C ASN A 506 5.53 -33.70 -19.27
N GLY A 507 5.51 -33.34 -17.99
CA GLY A 507 5.14 -31.99 -17.58
C GLY A 507 3.68 -31.64 -17.76
N LYS A 508 2.83 -32.64 -17.91
CA LYS A 508 1.41 -32.40 -18.17
C LYS A 508 0.60 -32.32 -16.87
N GLU A 509 -0.53 -31.62 -16.95
CA GLU A 509 -1.49 -31.57 -15.86
C GLU A 509 -2.18 -32.93 -15.73
N MET A 510 -2.27 -33.43 -14.50
CA MET A 510 -2.85 -34.76 -14.30
C MET A 510 -4.30 -34.69 -13.83
N ILE A 511 -4.69 -33.57 -13.23
CA ILE A 511 -6.07 -33.38 -12.80
C ILE A 511 -6.59 -32.02 -13.23
N SER A 512 -7.90 -31.86 -13.22
CA SER A 512 -8.52 -30.56 -13.50
C SER A 512 -8.27 -29.62 -12.33
N GLN A 513 -8.62 -28.34 -12.52
CA GLN A 513 -8.45 -27.34 -11.49
C GLN A 513 -9.17 -27.75 -10.20
N THR A 514 -8.45 -27.74 -9.09
CA THR A 514 -9.00 -28.20 -7.82
C THR A 514 -8.61 -27.28 -6.68
N THR A 515 -9.57 -26.97 -5.81
CA THR A 515 -9.29 -26.19 -4.61
C THR A 515 -9.59 -27.02 -3.37
N LEU A 516 -8.53 -27.42 -2.68
CA LEU A 516 -8.68 -28.16 -1.43
C LEU A 516 -9.17 -27.24 -0.32
N GLU A 517 -10.26 -27.63 0.31
CA GLU A 517 -10.82 -26.83 1.41
C GLU A 517 -10.37 -27.37 2.76
N LEU A 518 -9.29 -26.82 3.29
CA LEU A 518 -8.78 -27.22 4.58
C LEU A 518 -9.46 -26.43 5.69
N THR A 519 -10.21 -27.12 6.54
CA THR A 519 -10.96 -26.47 7.60
C THR A 519 -10.54 -26.96 8.98
N LYS A 520 -9.77 -28.04 9.02
CA LYS A 520 -9.29 -28.58 10.28
C LYS A 520 -7.82 -28.29 10.49
N GLU A 521 -7.30 -28.65 11.65
CA GLU A 521 -5.89 -28.46 11.98
C GLU A 521 -5.03 -29.27 11.02
N SER A 522 -5.54 -30.44 10.63
CA SER A 522 -4.87 -31.26 9.63
C SER A 522 -5.90 -32.11 8.87
N ASP A 523 -5.56 -32.48 7.64
CA ASP A 523 -6.43 -33.30 6.82
C ASP A 523 -5.62 -34.05 5.77
N THR A 524 -6.17 -35.16 5.27
CA THR A 524 -5.52 -35.90 4.20
C THR A 524 -6.42 -35.95 2.97
N PHE A 525 -5.92 -35.41 1.86
CA PHE A 525 -6.68 -35.39 0.61
C PHE A 525 -6.17 -36.47 -0.33
N VAL A 526 -7.05 -37.37 -0.73
CA VAL A 526 -6.67 -38.53 -1.52
C VAL A 526 -7.16 -38.43 -2.97
N PHE A 527 -6.32 -38.83 -3.91
CA PHE A 527 -6.67 -38.81 -5.32
C PHE A 527 -6.53 -40.19 -5.93
N ASN A 528 -7.61 -40.69 -6.54
CA ASN A 528 -7.57 -41.97 -7.24
C ASN A 528 -7.21 -41.79 -8.71
N ASN A 529 -6.85 -42.89 -9.36
CA ASN A 529 -6.53 -42.89 -10.78
C ASN A 529 -5.40 -41.91 -11.13
N ILE A 530 -4.38 -41.87 -10.29
CA ILE A 530 -3.19 -41.08 -10.58
C ILE A 530 -2.13 -42.02 -11.17
N ALA A 531 -1.93 -41.92 -12.47
CA ALA A 531 -1.17 -42.91 -13.24
C ALA A 531 0.30 -43.03 -12.82
N VAL A 532 0.89 -41.93 -12.36
CA VAL A 532 2.28 -41.92 -11.95
C VAL A 532 2.46 -40.96 -10.79
N LYS A 533 3.52 -41.13 -10.01
CA LYS A 533 3.80 -40.25 -8.89
C LYS A 533 4.00 -38.82 -9.37
N PRO A 534 3.11 -37.92 -8.98
CA PRO A 534 3.14 -36.54 -9.46
C PRO A 534 4.04 -35.64 -8.62
N ILE A 535 4.32 -34.45 -9.14
CA ILE A 535 4.87 -33.38 -8.33
C ILE A 535 3.77 -32.38 -8.06
N PRO A 536 3.44 -32.15 -6.79
CA PRO A 536 2.31 -31.30 -6.42
C PRO A 536 2.57 -29.82 -6.69
N SER A 537 1.61 -29.17 -7.35
CA SER A 537 1.64 -27.73 -7.56
C SER A 537 0.67 -27.08 -6.56
N LEU A 538 1.21 -26.57 -5.46
CA LEU A 538 0.40 -26.17 -4.32
C LEU A 538 0.23 -24.66 -4.16
N PHE A 539 -0.96 -24.26 -3.73
CA PHE A 539 -1.31 -22.85 -3.53
C PHE A 539 -1.12 -22.05 -4.81
N ARG A 540 -1.64 -22.57 -5.92
CA ARG A 540 -1.53 -21.89 -7.21
C ARG A 540 -2.15 -20.50 -7.14
N GLY A 541 -1.43 -19.51 -7.67
CA GLY A 541 -1.85 -18.12 -7.61
C GLY A 541 -1.73 -17.55 -6.21
N PHE A 542 -1.03 -18.29 -5.33
CA PHE A 542 -0.92 -17.95 -3.91
C PHE A 542 -2.32 -17.83 -3.31
N SER A 543 -3.00 -18.96 -3.20
CA SER A 543 -4.42 -18.98 -2.89
C SER A 543 -4.76 -18.72 -1.42
N ALA A 544 -3.73 -18.58 -0.58
CA ALA A 544 -3.93 -18.22 0.82
C ALA A 544 -2.72 -17.47 1.36
N PRO A 545 -2.96 -16.46 2.21
CA PRO A 545 -1.87 -15.68 2.80
C PRO A 545 -1.16 -16.46 3.92
N VAL A 546 -0.37 -17.45 3.54
CA VAL A 546 0.28 -18.33 4.51
C VAL A 546 1.75 -18.57 4.21
N TYR A 547 2.48 -19.03 5.22
CA TYR A 547 3.81 -19.60 5.01
C TYR A 547 3.63 -20.97 4.38
N ILE A 548 4.18 -21.15 3.17
CA ILE A 548 4.04 -22.41 2.49
C ILE A 548 5.29 -23.27 2.68
N GLU A 549 5.10 -24.47 3.23
CA GLU A 549 6.18 -25.41 3.43
C GLU A 549 5.91 -26.67 2.62
N ASP A 550 6.33 -26.65 1.36
CA ASP A 550 5.97 -27.69 0.40
C ASP A 550 6.72 -29.01 0.61
N GLN A 551 7.83 -28.96 1.34
CA GLN A 551 8.64 -30.13 1.64
C GLN A 551 9.09 -30.87 0.38
N LEU A 552 9.25 -30.14 -0.71
CA LEU A 552 9.71 -30.72 -1.97
C LEU A 552 11.22 -30.69 -2.05
N THR A 553 11.80 -31.64 -2.77
CA THR A 553 13.23 -31.60 -3.04
C THR A 553 13.52 -30.51 -4.04
N ASP A 554 14.78 -30.07 -4.11
CA ASP A 554 15.17 -29.06 -5.09
C ASP A 554 14.98 -29.57 -6.50
N GLU A 555 15.15 -30.89 -6.68
CA GLU A 555 14.90 -31.53 -7.96
C GLU A 555 13.44 -31.35 -8.39
N GLU A 556 12.52 -31.52 -7.45
CA GLU A 556 11.11 -31.35 -7.71
C GLU A 556 10.76 -29.88 -7.97
N ARG A 557 11.37 -28.99 -7.21
CA ARG A 557 11.14 -27.56 -7.36
C ARG A 557 11.65 -27.06 -8.71
N ILE A 558 12.79 -27.59 -9.14
CA ILE A 558 13.36 -27.25 -10.43
C ILE A 558 12.42 -27.66 -11.56
N LEU A 559 11.83 -28.84 -11.43
CA LEU A 559 10.90 -29.35 -12.43
C LEU A 559 9.64 -28.49 -12.52
N LEU A 560 9.15 -28.04 -11.37
CA LEU A 560 8.00 -27.13 -11.34
C LEU A 560 8.36 -25.79 -11.97
N LEU A 561 9.54 -25.29 -11.61
CA LEU A 561 10.05 -24.04 -12.15
C LEU A 561 10.07 -24.07 -13.68
N LYS A 562 10.43 -25.23 -14.23
CA LYS A 562 10.56 -25.38 -15.68
C LYS A 562 9.24 -25.69 -16.38
N TYR A 563 8.37 -26.46 -15.74
CA TYR A 563 7.25 -27.06 -16.49
C TYR A 563 5.85 -26.83 -15.93
N ASP A 564 5.74 -26.25 -14.73
CA ASP A 564 4.42 -26.04 -14.14
C ASP A 564 3.68 -24.92 -14.87
N SER A 565 2.36 -24.94 -14.82
CA SER A 565 1.54 -23.98 -15.54
C SER A 565 1.29 -22.70 -14.76
N ASP A 566 1.40 -22.78 -13.44
CA ASP A 566 1.09 -21.64 -12.58
C ASP A 566 2.31 -20.77 -12.31
N ALA A 567 2.19 -19.48 -12.60
CA ALA A 567 3.29 -18.53 -12.45
C ALA A 567 3.81 -18.46 -11.02
N PHE A 568 2.90 -18.40 -10.05
CA PHE A 568 3.32 -18.27 -8.66
C PHE A 568 4.10 -19.49 -8.16
N VAL A 569 3.60 -20.68 -8.48
CA VAL A 569 4.23 -21.90 -7.99
C VAL A 569 5.64 -22.04 -8.56
N ARG A 570 5.81 -21.65 -9.82
CA ARG A 570 7.13 -21.60 -10.43
C ARG A 570 8.01 -20.60 -9.67
N TYR A 571 7.47 -19.39 -9.51
CA TYR A 571 8.13 -18.32 -8.76
C TYR A 571 8.45 -18.73 -7.33
N ASN A 572 7.52 -19.43 -6.69
CA ASN A 572 7.72 -19.87 -5.31
C ASN A 572 8.74 -21.00 -5.19
N SER A 573 8.75 -21.89 -6.17
CA SER A 573 9.72 -22.98 -6.20
C SER A 573 11.12 -22.40 -6.29
N CYS A 574 11.29 -21.40 -7.16
CA CYS A 574 12.54 -20.67 -7.27
C CYS A 574 12.90 -20.02 -5.94
N THR A 575 11.91 -19.37 -5.33
CA THR A 575 12.08 -18.75 -4.02
C THR A 575 12.55 -19.76 -2.98
N ASN A 576 11.94 -20.93 -2.99
CA ASN A 576 12.25 -21.97 -2.01
C ASN A 576 13.65 -22.54 -2.20
N ILE A 577 14.08 -22.68 -3.46
CA ILE A 577 15.43 -23.15 -3.76
C ILE A 577 16.44 -22.14 -3.25
N TYR A 578 16.18 -20.86 -3.52
CA TYR A 578 17.01 -19.77 -3.02
C TYR A 578 17.11 -19.78 -1.50
N MET A 579 15.95 -19.84 -0.84
CA MET A 579 15.89 -19.79 0.62
C MET A 579 16.66 -20.92 1.29
N LYS A 580 16.53 -22.13 0.75
CA LYS A 580 17.27 -23.27 1.28
C LYS A 580 18.77 -23.02 1.15
N GLN A 581 19.17 -22.46 0.02
CA GLN A 581 20.57 -22.14 -0.22
C GLN A 581 21.03 -21.04 0.71
N ILE A 582 20.19 -20.02 0.87
CA ILE A 582 20.51 -18.88 1.74
C ILE A 582 20.65 -19.30 3.19
N LEU A 583 19.75 -20.14 3.67
CA LEU A 583 19.81 -20.62 5.05
C LEU A 583 21.05 -21.48 5.30
N MET A 584 21.40 -22.31 4.33
CA MET A 584 22.56 -23.18 4.46
CA MET A 584 22.57 -23.18 4.45
C MET A 584 23.86 -22.37 4.51
N ASN A 585 24.04 -21.48 3.54
CA ASN A 585 25.25 -20.65 3.48
C ASN A 585 25.37 -19.68 4.67
N TYR A 586 24.24 -19.14 5.11
CA TYR A 586 24.22 -18.23 6.26
C TYR A 586 24.80 -18.91 7.49
N ASN A 587 24.32 -20.12 7.78
CA ASN A 587 24.78 -20.85 8.94
CA ASN A 587 24.77 -20.89 8.92
C ASN A 587 26.25 -21.25 8.82
N GLU A 588 26.72 -21.49 7.61
CA GLU A 588 28.11 -21.82 7.38
C GLU A 588 29.00 -20.59 7.63
N PHE A 589 28.61 -19.45 7.07
CA PHE A 589 29.28 -18.18 7.36
C PHE A 589 29.22 -17.85 8.85
N LEU A 590 28.06 -18.09 9.46
CA LEU A 590 27.84 -17.77 10.87
C LEU A 590 28.75 -18.58 11.79
N LYS A 591 28.81 -19.89 11.54
CA LYS A 591 29.66 -20.77 12.34
C LYS A 591 31.13 -20.40 12.22
N ALA A 592 31.53 -20.03 11.01
CA ALA A 592 32.92 -19.63 10.76
C ALA A 592 33.25 -18.36 11.54
N LYS A 593 32.30 -17.43 11.59
CA LYS A 593 32.45 -16.19 12.32
C LYS A 593 32.52 -16.43 13.83
N ASN A 594 31.57 -17.23 14.32
CA ASN A 594 31.49 -17.55 15.74
C ASN A 594 32.70 -18.34 16.24
N GLU A 595 33.16 -19.28 15.43
CA GLU A 595 34.27 -20.13 15.81
C GLU A 595 35.61 -19.57 15.35
N LYS A 596 35.55 -18.40 14.71
CA LYS A 596 36.75 -17.69 14.23
C LYS A 596 37.65 -18.60 13.40
N LEU A 597 37.04 -19.30 12.45
CA LEU A 597 37.75 -20.29 11.65
C LEU A 597 38.71 -19.66 10.66
N GLU A 598 39.88 -20.28 10.50
CA GLU A 598 40.85 -19.83 9.51
C GLU A 598 40.44 -20.30 8.13
N SER A 599 39.72 -21.42 8.07
CA SER A 599 39.24 -21.96 6.81
C SER A 599 37.95 -22.74 7.03
N PHE A 600 37.11 -22.77 6.01
CA PHE A 600 35.83 -23.46 6.08
C PHE A 600 35.27 -23.67 4.69
N GLN A 601 34.19 -24.44 4.60
CA GLN A 601 33.58 -24.73 3.30
C GLN A 601 32.17 -24.16 3.17
N LEU A 602 31.82 -23.76 1.96
CA LEU A 602 30.47 -23.31 1.65
C LEU A 602 29.82 -24.26 0.66
N THR A 603 28.55 -24.57 0.88
CA THR A 603 27.80 -25.38 -0.05
C THR A 603 27.51 -24.59 -1.32
N PRO A 604 27.97 -25.08 -2.47
CA PRO A 604 27.74 -24.40 -3.75
C PRO A 604 26.25 -24.33 -4.10
N VAL A 605 25.90 -23.39 -4.97
CA VAL A 605 24.55 -23.31 -5.49
C VAL A 605 24.29 -24.52 -6.38
N ASN A 606 23.10 -25.10 -6.26
CA ASN A 606 22.68 -26.24 -7.08
C ASN A 606 22.93 -25.97 -8.56
N ALA A 607 23.75 -26.82 -9.18
CA ALA A 607 24.13 -26.64 -10.58
C ALA A 607 22.93 -26.81 -11.52
N GLN A 608 22.09 -27.79 -11.23
CA GLN A 608 20.91 -28.05 -12.04
C GLN A 608 19.92 -26.88 -11.96
N PHE A 609 19.98 -26.17 -10.84
CA PHE A 609 19.17 -24.97 -10.65
C PHE A 609 19.65 -23.85 -11.56
N ILE A 610 20.96 -23.65 -11.59
CA ILE A 610 21.56 -22.65 -12.46
C ILE A 610 21.26 -22.95 -13.93
N ASP A 611 21.34 -24.22 -14.29
CA ASP A 611 20.98 -24.66 -15.64
C ASP A 611 19.53 -24.34 -15.97
N ALA A 612 18.67 -24.45 -14.97
CA ALA A 612 17.25 -24.17 -15.15
C ALA A 612 17.00 -22.69 -15.40
N ILE A 613 17.73 -21.84 -14.68
CA ILE A 613 17.64 -20.40 -14.87
C ILE A 613 18.06 -20.02 -16.29
N LYS A 614 19.18 -20.59 -16.73
CA LYS A 614 19.68 -20.38 -18.08
C LYS A 614 18.66 -20.82 -19.13
N TYR A 615 18.01 -21.95 -18.87
CA TYR A 615 16.99 -22.49 -19.76
C TYR A 615 15.83 -21.52 -19.93
N LEU A 616 15.36 -20.95 -18.83
CA LEU A 616 14.23 -20.03 -18.87
C LEU A 616 14.62 -18.70 -19.50
N LEU A 617 15.82 -18.22 -19.18
CA LEU A 617 16.32 -16.96 -19.71
C LEU A 617 16.44 -16.99 -21.22
N GLU A 618 16.79 -18.16 -21.77
CA GLU A 618 17.01 -18.30 -23.20
C GLU A 618 15.74 -18.73 -23.94
N ASP A 619 14.63 -18.80 -23.22
CA ASP A 619 13.34 -19.09 -23.84
C ASP A 619 12.65 -17.80 -24.26
N PRO A 620 12.51 -17.60 -25.58
CA PRO A 620 11.94 -16.37 -26.15
C PRO A 620 10.47 -16.14 -25.78
N HIS A 621 9.77 -17.21 -25.41
CA HIS A 621 8.34 -17.12 -25.14
C HIS A 621 8.05 -16.94 -23.65
N ALA A 622 9.09 -16.99 -22.83
CA ALA A 622 8.94 -16.79 -21.40
C ALA A 622 8.81 -15.31 -21.07
N ASP A 623 8.10 -15.00 -19.99
CA ASP A 623 7.83 -13.61 -19.61
C ASP A 623 9.10 -12.93 -19.10
N ALA A 624 9.39 -11.75 -19.67
CA ALA A 624 10.57 -10.98 -19.31
C ALA A 624 10.56 -10.56 -17.85
N GLY A 625 9.40 -10.17 -17.35
CA GLY A 625 9.26 -9.77 -15.97
C GLY A 625 9.49 -10.93 -15.02
N PHE A 626 8.98 -12.10 -15.41
CA PHE A 626 9.19 -13.33 -14.65
C PHE A 626 10.67 -13.66 -14.57
N LYS A 627 11.38 -13.41 -15.68
CA LYS A 627 12.81 -13.67 -15.75
C LYS A 627 13.61 -12.81 -14.77
N SER A 628 13.15 -11.57 -14.56
CA SER A 628 13.83 -10.65 -13.67
C SER A 628 13.72 -11.11 -12.21
N TYR A 629 12.64 -11.84 -11.91
CA TYR A 629 12.43 -12.36 -10.56
C TYR A 629 13.37 -13.52 -10.23
N ILE A 630 13.53 -14.44 -11.18
CA ILE A 630 14.28 -15.67 -10.91
C ILE A 630 15.78 -15.43 -10.79
N VAL A 631 16.28 -14.34 -11.36
CA VAL A 631 17.69 -14.00 -11.23
C VAL A 631 17.92 -13.12 -10.00
N SER A 632 16.83 -12.80 -9.31
CA SER A 632 16.90 -11.99 -8.10
C SER A 632 16.64 -12.83 -6.85
N LEU A 633 17.49 -12.67 -5.85
CA LEU A 633 17.30 -13.34 -4.57
C LEU A 633 16.07 -12.78 -3.86
N PRO A 634 15.46 -13.57 -2.95
CA PRO A 634 14.33 -13.08 -2.16
C PRO A 634 14.68 -11.83 -1.36
N GLN A 635 13.69 -10.96 -1.17
CA GLN A 635 13.86 -9.73 -0.39
C GLN A 635 14.43 -10.02 0.99
N ASP A 636 15.27 -9.12 1.49
CA ASP A 636 15.85 -9.25 2.82
C ASP A 636 14.77 -9.38 3.89
N ARG A 637 13.71 -8.61 3.74
CA ARG A 637 12.63 -8.61 4.73
C ARG A 637 11.79 -9.88 4.69
N TYR A 638 11.89 -10.61 3.59
CA TYR A 638 11.27 -11.93 3.50
C TYR A 638 12.16 -12.94 4.21
N ILE A 639 13.47 -12.85 3.97
CA ILE A 639 14.45 -13.75 4.53
C ILE A 639 14.46 -13.73 6.06
N ILE A 640 14.37 -12.54 6.64
CA ILE A 640 14.50 -12.38 8.08
C ILE A 640 13.40 -13.13 8.87
N ASN A 641 12.30 -13.43 8.19
CA ASN A 641 11.24 -14.22 8.81
C ASN A 641 11.65 -15.68 9.07
N PHE A 642 12.79 -16.08 8.49
CA PHE A 642 13.24 -17.46 8.59
C PHE A 642 14.52 -17.59 9.41
N VAL A 643 15.04 -16.47 9.90
CA VAL A 643 16.30 -16.49 10.66
C VAL A 643 16.18 -15.80 12.01
N SER A 644 16.56 -16.50 13.06
CA SER A 644 16.60 -15.91 14.40
C SER A 644 17.93 -15.19 14.62
N ASN A 645 17.87 -14.05 15.32
CA ASN A 645 19.06 -13.25 15.62
C ASN A 645 19.90 -12.97 14.38
N LEU A 646 19.23 -12.51 13.32
CA LEU A 646 19.87 -12.30 12.03
C LEU A 646 21.07 -11.35 12.08
N ASP A 647 22.25 -11.87 11.74
CA ASP A 647 23.43 -11.05 11.59
C ASP A 647 23.45 -10.51 10.16
N THR A 648 23.19 -9.21 10.02
CA THR A 648 23.02 -8.62 8.69
C THR A 648 24.28 -8.66 7.85
N ASP A 649 25.44 -8.61 8.48
CA ASP A 649 26.71 -8.70 7.76
C ASP A 649 26.91 -10.11 7.18
N VAL A 650 26.55 -11.12 7.97
CA VAL A 650 26.64 -12.51 7.53
C VAL A 650 25.68 -12.76 6.36
N LEU A 651 24.47 -12.22 6.46
CA LEU A 651 23.49 -12.36 5.39
C LEU A 651 23.97 -11.66 4.13
N ALA A 652 24.59 -10.51 4.31
CA ALA A 652 25.18 -9.76 3.19
C ALA A 652 26.26 -10.59 2.50
N ASP A 653 27.08 -11.27 3.29
CA ASP A 653 28.11 -12.16 2.77
C ASP A 653 27.48 -13.34 2.05
N THR A 654 26.38 -13.86 2.60
CA THR A 654 25.67 -14.97 2.01
C THR A 654 25.12 -14.63 0.64
N LYS A 655 24.42 -13.50 0.55
CA LYS A 655 23.86 -13.03 -0.70
C LYS A 655 24.95 -12.83 -1.75
N GLU A 656 26.05 -12.23 -1.34
CA GLU A 656 27.16 -11.93 -2.23
C GLU A 656 27.78 -13.20 -2.81
N TYR A 657 27.93 -14.22 -1.97
CA TYR A 657 28.47 -15.51 -2.42
C TYR A 657 27.55 -16.18 -3.43
N ILE A 658 26.26 -16.17 -3.13
CA ILE A 658 25.27 -16.81 -3.99
C ILE A 658 25.16 -16.09 -5.35
N TYR A 659 25.13 -14.76 -5.32
CA TYR A 659 25.09 -13.98 -6.56
C TYR A 659 26.33 -14.22 -7.42
N LYS A 660 27.49 -14.33 -6.77
CA LYS A 660 28.75 -14.54 -7.48
C LYS A 660 28.82 -15.93 -8.09
N GLN A 661 28.32 -16.91 -7.36
CA GLN A 661 28.26 -18.30 -7.85
C GLN A 661 27.45 -18.41 -9.13
N ILE A 662 26.24 -17.87 -9.11
CA ILE A 662 25.37 -17.89 -10.27
C ILE A 662 25.94 -17.04 -11.40
N GLY A 663 26.51 -15.89 -11.04
CA GLY A 663 27.12 -15.00 -12.00
C GLY A 663 28.31 -15.62 -12.71
N ASP A 664 29.12 -16.38 -11.97
CA ASP A 664 30.30 -17.03 -12.54
C ASP A 664 29.94 -18.00 -13.67
N LYS A 665 28.67 -18.39 -13.75
CA LYS A 665 28.22 -19.30 -14.77
C LYS A 665 27.33 -18.64 -15.83
N LEU A 666 26.62 -17.59 -15.44
CA LEU A 666 25.58 -17.02 -16.31
C LEU A 666 25.85 -15.61 -16.84
N ASN A 667 26.96 -14.99 -16.43
CA ASN A 667 27.23 -13.61 -16.85
C ASN A 667 27.26 -13.40 -18.36
N ASP A 668 27.81 -14.36 -19.09
CA ASP A 668 27.82 -14.28 -20.55
C ASP A 668 26.40 -14.30 -21.11
N VAL A 669 25.56 -15.15 -20.53
CA VAL A 669 24.15 -15.20 -20.91
C VAL A 669 23.46 -13.89 -20.57
N TYR A 670 23.74 -13.36 -19.38
CA TYR A 670 23.19 -12.08 -18.94
C TYR A 670 23.53 -10.96 -19.93
N TYR A 671 24.80 -10.90 -20.32
CA TYR A 671 25.25 -9.86 -21.23
C TYR A 671 24.61 -10.01 -22.60
N LYS A 672 24.56 -11.24 -23.09
CA LYS A 672 23.94 -11.54 -24.38
C LYS A 672 22.48 -11.08 -24.41
N MET A 673 21.78 -11.34 -23.31
CA MET A 673 20.38 -10.95 -23.20
C MET A 673 20.24 -9.43 -23.09
N PHE A 674 21.10 -8.81 -22.28
CA PHE A 674 21.07 -7.36 -22.12
C PHE A 674 21.21 -6.64 -23.46
N LYS A 675 21.98 -7.23 -24.37
CA LYS A 675 22.22 -6.63 -25.68
C LYS A 675 21.08 -6.92 -26.66
N SER A 676 20.57 -8.14 -26.63
CA SER A 676 19.53 -8.54 -27.58
C SER A 676 18.16 -7.96 -27.22
N LEU A 677 17.99 -7.60 -25.95
CA LEU A 677 16.72 -7.05 -25.48
C LEU A 677 16.57 -5.57 -25.80
N GLU A 678 17.67 -4.92 -26.15
CA GLU A 678 17.71 -3.45 -26.27
C GLU A 678 16.69 -2.89 -27.26
N ALA A 679 16.59 -3.51 -28.42
CA ALA A 679 15.72 -3.01 -29.50
C ALA A 679 14.28 -2.86 -29.06
N LYS A 680 13.70 -3.94 -28.53
CA LYS A 680 12.30 -3.93 -28.12
C LYS A 680 12.08 -3.19 -26.81
N ALA A 681 13.03 -3.32 -25.89
CA ALA A 681 12.88 -2.72 -24.56
C ALA A 681 12.89 -1.20 -24.61
N ASP A 682 13.78 -0.63 -25.43
CA ASP A 682 13.94 0.81 -25.50
C ASP A 682 13.31 1.41 -26.77
N ASP A 683 12.38 0.66 -27.37
CA ASP A 683 11.64 1.12 -28.54
C ASP A 683 11.02 2.50 -28.28
N LEU A 684 11.36 3.46 -29.13
CA LEU A 684 10.97 4.86 -28.92
C LEU A 684 9.74 5.26 -29.74
N THR A 685 9.14 4.30 -30.43
CA THR A 685 8.02 4.57 -31.34
C THR A 685 6.90 5.39 -30.69
N TYR A 686 6.50 5.01 -29.49
CA TYR A 686 5.36 5.65 -28.83
C TYR A 686 5.79 6.50 -27.64
N PHE A 687 7.01 7.04 -27.71
CA PHE A 687 7.55 7.83 -26.61
C PHE A 687 6.79 9.12 -26.38
N ASN A 688 6.19 9.66 -27.45
CA ASN A 688 5.42 10.89 -27.35
C ASN A 688 3.93 10.63 -27.39
N ASP A 689 3.54 9.40 -27.07
CA ASP A 689 2.13 9.04 -26.95
C ASP A 689 1.85 8.60 -25.52
N GLU A 690 1.28 9.50 -24.72
CA GLU A 690 1.02 9.23 -23.31
C GLU A 690 -0.20 8.33 -23.10
N SER A 691 -0.82 7.91 -24.18
CA SER A 691 -1.96 7.00 -24.10
CA SER A 691 -1.96 7.00 -24.10
C SER A 691 -1.51 5.56 -24.32
N HIS A 692 -0.32 5.40 -24.90
CA HIS A 692 0.21 4.09 -25.22
C HIS A 692 1.17 3.60 -24.14
N VAL A 693 0.71 2.68 -23.30
CA VAL A 693 1.55 2.10 -22.26
C VAL A 693 1.67 0.59 -22.42
N ASP A 694 2.90 0.12 -22.58
CA ASP A 694 3.18 -1.29 -22.85
C ASP A 694 3.88 -1.89 -21.64
N PHE A 695 3.12 -2.60 -20.82
CA PHE A 695 3.65 -3.17 -19.58
C PHE A 695 4.67 -4.28 -19.84
N ASP A 696 4.51 -4.98 -20.96
CA ASP A 696 5.47 -6.01 -21.34
CA ASP A 696 5.47 -6.01 -21.35
C ASP A 696 6.82 -5.38 -21.67
N GLN A 697 6.79 -4.27 -22.41
CA GLN A 697 8.01 -3.55 -22.75
C GLN A 697 8.72 -3.04 -21.50
N MET A 698 7.95 -2.50 -20.56
CA MET A 698 8.52 -2.00 -19.31
C MET A 698 9.13 -3.14 -18.50
N ASN A 699 8.56 -4.34 -18.62
CA ASN A 699 9.13 -5.52 -17.99
C ASN A 699 10.47 -5.88 -18.61
N MET A 700 10.59 -5.66 -19.91
CA MET A 700 11.84 -5.94 -20.62
C MET A 700 12.93 -5.00 -20.15
N ARG A 701 12.56 -3.76 -19.84
CA ARG A 701 13.51 -2.80 -19.30
C ARG A 701 13.89 -3.17 -17.86
N THR A 702 12.92 -3.69 -17.12
CA THR A 702 13.18 -4.20 -15.77
C THR A 702 14.22 -5.30 -15.82
N LEU A 703 14.07 -6.21 -16.77
CA LEU A 703 15.02 -7.30 -16.96
C LEU A 703 16.40 -6.78 -17.33
N ARG A 704 16.45 -5.91 -18.33
CA ARG A 704 17.72 -5.31 -18.78
C ARG A 704 18.44 -4.61 -17.64
N ASN A 705 17.70 -3.82 -16.86
CA ASN A 705 18.28 -3.06 -15.77
C ASN A 705 18.66 -3.95 -14.58
N THR A 706 17.95 -5.06 -14.42
CA THR A 706 18.31 -6.05 -13.42
C THR A 706 19.59 -6.74 -13.84
N LEU A 707 19.66 -7.16 -15.10
CA LEU A 707 20.84 -7.80 -15.66
C LEU A 707 22.04 -6.85 -15.63
N LEU A 708 21.81 -5.59 -15.97
CA LEU A 708 22.88 -4.59 -15.97
C LEU A 708 23.46 -4.42 -14.57
N SER A 709 22.59 -4.44 -13.57
CA SER A 709 23.02 -4.35 -12.18
C SER A 709 23.91 -5.53 -11.80
N LEU A 710 23.49 -6.73 -12.18
CA LEU A 710 24.25 -7.94 -11.90
C LEU A 710 25.63 -7.90 -12.58
N LEU A 711 25.66 -7.42 -13.81
CA LEU A 711 26.89 -7.37 -14.58
C LEU A 711 27.84 -6.30 -14.06
N SER A 712 27.28 -5.22 -13.54
CA SER A 712 28.08 -4.12 -12.99
C SER A 712 28.75 -4.54 -11.68
N LYS A 713 27.97 -5.15 -10.80
CA LYS A 713 28.48 -5.67 -9.54
C LYS A 713 29.58 -6.71 -9.77
N ALA A 714 29.42 -7.49 -10.83
CA ALA A 714 30.37 -8.55 -11.16
C ALA A 714 31.60 -7.98 -11.89
N GLN A 715 31.56 -6.70 -12.20
CA GLN A 715 32.63 -6.03 -12.95
C GLN A 715 32.89 -6.76 -14.27
N TYR A 716 31.81 -7.10 -14.96
CA TYR A 716 31.89 -7.75 -16.27
C TYR A 716 32.75 -6.89 -17.21
N PRO A 717 33.61 -7.55 -18.01
CA PRO A 717 34.56 -6.85 -18.89
C PRO A 717 33.92 -5.75 -19.74
N ASN A 718 34.43 -4.53 -19.59
CA ASN A 718 33.99 -3.36 -20.36
C ASN A 718 32.51 -3.01 -20.17
N ILE A 719 31.93 -3.41 -19.04
CA ILE A 719 30.52 -3.13 -18.80
C ILE A 719 30.29 -1.63 -18.57
N LEU A 720 31.35 -0.93 -18.19
CA LEU A 720 31.26 0.51 -17.96
C LEU A 720 30.83 1.25 -19.22
N ASN A 721 31.27 0.73 -20.38
CA ASN A 721 30.85 1.27 -21.67
C ASN A 721 29.34 1.19 -21.83
N GLU A 722 28.77 0.05 -21.46
CA GLU A 722 27.33 -0.16 -21.53
C GLU A 722 26.60 0.80 -20.60
N ILE A 723 27.17 1.00 -19.42
CA ILE A 723 26.58 1.90 -18.43
C ILE A 723 26.52 3.34 -18.96
N ILE A 724 27.61 3.77 -19.59
CA ILE A 724 27.69 5.12 -20.15
C ILE A 724 26.66 5.35 -21.25
N GLU A 725 26.54 4.39 -22.16
CA GLU A 725 25.55 4.48 -23.23
C GLU A 725 24.13 4.43 -22.66
N HIS A 726 23.96 3.65 -21.60
CA HIS A 726 22.67 3.51 -20.94
C HIS A 726 22.19 4.85 -20.36
N SER A 727 23.14 5.69 -19.97
CA SER A 727 22.82 6.99 -19.39
C SER A 727 22.30 7.97 -20.45
N LYS A 728 22.49 7.60 -21.71
CA LYS A 728 22.06 8.45 -22.83
C LYS A 728 20.67 8.06 -23.32
N SER A 729 20.06 7.09 -22.65
CA SER A 729 18.70 6.66 -22.98
C SER A 729 17.68 7.71 -22.58
N PRO A 730 16.62 7.89 -23.39
CA PRO A 730 15.55 8.84 -23.10
C PRO A 730 14.68 8.42 -21.90
N TYR A 731 14.65 7.13 -21.60
CA TYR A 731 13.83 6.62 -20.50
C TYR A 731 14.53 6.79 -19.14
N PRO A 732 13.89 7.51 -18.21
CA PRO A 732 14.40 7.72 -16.85
C PRO A 732 14.72 6.41 -16.13
N SER A 733 13.94 5.36 -16.37
CA SER A 733 14.21 4.06 -15.78
C SER A 733 15.61 3.58 -16.15
N ASN A 734 16.05 3.94 -17.35
CA ASN A 734 17.37 3.55 -17.83
C ASN A 734 18.50 4.44 -17.31
N TRP A 735 18.38 5.76 -17.44
CA TRP A 735 19.51 6.61 -17.06
C TRP A 735 19.60 6.82 -15.55
N LEU A 736 18.53 6.51 -14.82
CA LEU A 736 18.64 6.49 -13.36
C LEU A 736 19.28 5.19 -12.92
N THR A 737 18.99 4.11 -13.64
CA THR A 737 19.66 2.83 -13.40
C THR A 737 21.16 2.98 -13.64
N SER A 738 21.51 3.72 -14.69
CA SER A 738 22.91 3.95 -15.03
C SER A 738 23.65 4.63 -13.88
N LEU A 739 22.94 5.46 -13.13
CA LEU A 739 23.53 6.11 -11.97
C LEU A 739 23.85 5.10 -10.86
N SER A 740 22.86 4.31 -10.48
CA SER A 740 23.01 3.39 -9.36
C SER A 740 24.01 2.26 -9.65
N VAL A 741 24.04 1.79 -10.89
CA VAL A 741 24.96 0.70 -11.24
C VAL A 741 26.37 1.22 -11.44
N SER A 742 26.52 2.54 -11.60
CA SER A 742 27.84 3.13 -11.75
C SER A 742 28.52 3.32 -10.41
N ALA A 743 27.82 2.95 -9.35
CA ALA A 743 28.33 3.07 -7.99
C ALA A 743 29.64 2.31 -7.82
N TYR A 744 29.78 1.21 -8.56
CA TYR A 744 30.95 0.35 -8.47
C TYR A 744 32.10 0.86 -9.32
N PHE A 745 31.94 2.04 -9.91
CA PHE A 745 32.97 2.62 -10.75
C PHE A 745 33.27 4.05 -10.34
N ASP A 746 34.42 4.56 -10.77
CA ASP A 746 34.84 5.91 -10.43
C ASP A 746 34.09 6.97 -11.25
N LYS A 747 33.24 6.51 -12.17
CA LYS A 747 32.45 7.40 -13.00
C LYS A 747 31.13 7.77 -12.32
N TYR A 748 30.97 7.31 -11.07
CA TYR A 748 29.73 7.50 -10.33
C TYR A 748 29.33 8.96 -10.17
N PHE A 749 30.25 9.78 -9.68
CA PHE A 749 29.92 11.17 -9.40
C PHE A 749 29.75 12.00 -10.67
N GLU A 750 30.32 11.51 -11.77
CA GLU A 750 30.09 12.13 -13.07
C GLU A 750 28.62 11.97 -13.47
N LEU A 751 28.11 10.76 -13.30
CA LEU A 751 26.71 10.47 -13.62
C LEU A 751 25.79 11.03 -12.55
N TYR A 752 26.32 11.20 -11.35
CA TYR A 752 25.62 11.87 -10.26
C TYR A 752 25.21 13.28 -10.68
N ASP A 753 26.19 14.02 -11.21
CA ASP A 753 25.96 15.39 -11.67
C ASP A 753 25.08 15.42 -12.91
N LYS A 754 25.34 14.50 -13.84
CA LYS A 754 24.60 14.44 -15.10
C LYS A 754 23.11 14.18 -14.87
N THR A 755 22.80 13.18 -14.05
CA THR A 755 21.42 12.81 -13.78
C THR A 755 20.71 13.85 -12.91
N TYR A 756 21.47 14.54 -12.06
CA TYR A 756 20.88 15.60 -11.25
C TYR A 756 20.38 16.74 -12.13
N LYS A 757 21.21 17.16 -13.08
CA LYS A 757 20.86 18.23 -14.00
C LYS A 757 19.63 17.87 -14.81
N LEU A 758 19.46 16.57 -15.09
CA LEU A 758 18.32 16.08 -15.84
C LEU A 758 17.04 16.07 -14.98
N SER A 759 17.22 15.97 -13.67
CA SER A 759 16.08 15.74 -12.77
C SER A 759 15.62 16.99 -12.02
N LYS A 760 16.52 17.96 -11.88
CA LYS A 760 16.31 19.08 -10.95
C LYS A 760 15.13 20.00 -11.28
N ASP A 761 14.66 19.98 -12.52
CA ASP A 761 13.61 20.90 -12.95
C ASP A 761 12.22 20.27 -12.89
N ASP A 762 12.16 18.98 -12.56
CA ASP A 762 10.89 18.30 -12.33
C ASP A 762 10.85 17.80 -10.90
N GLU A 763 9.86 18.27 -10.15
CA GLU A 763 9.71 17.96 -8.73
C GLU A 763 9.67 16.46 -8.44
N LEU A 764 8.86 15.73 -9.21
CA LEU A 764 8.72 14.31 -9.00
C LEU A 764 9.94 13.53 -9.47
N LEU A 765 10.54 13.98 -10.57
CA LEU A 765 11.72 13.33 -11.11
C LEU A 765 12.92 13.48 -10.16
N LEU A 766 13.03 14.66 -9.57
CA LEU A 766 14.10 14.93 -8.60
C LEU A 766 13.96 13.99 -7.40
N GLN A 767 12.73 13.70 -7.02
CA GLN A 767 12.48 12.79 -5.91
C GLN A 767 12.89 11.37 -6.28
N GLU A 768 12.76 11.01 -7.55
CA GLU A 768 13.22 9.72 -8.03
C GLU A 768 14.74 9.68 -8.06
N TRP A 769 15.36 10.82 -8.38
CA TRP A 769 16.80 10.93 -8.36
C TRP A 769 17.33 10.75 -6.94
N LEU A 770 16.67 11.39 -5.99
CA LEU A 770 17.02 11.26 -4.58
C LEU A 770 16.97 9.81 -4.14
N LYS A 771 15.90 9.11 -4.52
CA LYS A 771 15.75 7.69 -4.21
C LYS A 771 16.91 6.86 -4.75
N THR A 772 17.30 7.15 -5.99
CA THR A 772 18.35 6.41 -6.66
C THR A 772 19.70 6.62 -5.98
N VAL A 773 19.95 7.86 -5.58
CA VAL A 773 21.17 8.19 -4.85
C VAL A 773 21.15 7.51 -3.47
N SER A 774 20.01 7.61 -2.80
CA SER A 774 19.83 7.03 -1.47
C SER A 774 20.02 5.51 -1.47
N ARG A 775 19.69 4.88 -2.59
CA ARG A 775 19.74 3.43 -2.70
C ARG A 775 21.07 2.95 -3.30
N SER A 776 21.93 3.89 -3.66
CA SER A 776 23.20 3.56 -4.31
C SER A 776 24.14 2.75 -3.41
N ASP A 777 24.69 1.68 -3.97
CA ASP A 777 25.61 0.83 -3.23
C ASP A 777 26.99 1.47 -3.12
N ARG A 778 27.09 2.49 -2.28
CA ARG A 778 28.31 3.27 -2.14
C ARG A 778 28.94 3.10 -0.76
N LYS A 779 30.26 3.01 -0.72
CA LYS A 779 30.98 2.94 0.54
C LYS A 779 30.91 4.26 1.29
N ASP A 780 30.77 5.35 0.54
CA ASP A 780 30.69 6.69 1.11
C ASP A 780 29.26 7.19 1.19
N ILE A 781 28.31 6.26 1.37
CA ILE A 781 26.89 6.59 1.34
C ILE A 781 26.49 7.58 2.44
N TYR A 782 27.17 7.54 3.57
CA TYR A 782 26.85 8.44 4.68
C TYR A 782 27.28 9.87 4.36
N GLU A 783 28.43 10.02 3.72
CA GLU A 783 28.89 11.33 3.28
C GLU A 783 27.95 11.85 2.19
N ILE A 784 27.53 10.95 1.32
CA ILE A 784 26.61 11.29 0.24
C ILE A 784 25.27 11.79 0.77
N LEU A 785 24.73 11.09 1.77
CA LEU A 785 23.48 11.51 2.40
C LEU A 785 23.62 12.90 3.01
N LYS A 786 24.76 13.15 3.64
CA LYS A 786 25.04 14.47 4.23
C LYS A 786 25.01 15.54 3.15
N LYS A 787 25.53 15.21 1.97
CA LYS A 787 25.53 16.11 0.84
C LYS A 787 24.10 16.40 0.37
N LEU A 788 23.28 15.36 0.33
CA LEU A 788 21.87 15.49 -0.05
C LEU A 788 21.13 16.43 0.89
N GLU A 789 21.38 16.28 2.18
CA GLU A 789 20.72 17.10 3.19
C GLU A 789 21.10 18.57 3.05
N ASN A 790 22.40 18.82 2.85
CA ASN A 790 22.90 20.19 2.79
C ASN A 790 22.62 20.89 1.47
N GLU A 791 22.61 20.14 0.38
CA GLU A 791 22.54 20.75 -0.94
C GLU A 791 21.17 20.66 -1.61
N VAL A 792 20.41 19.61 -1.31
CA VAL A 792 19.13 19.41 -2.00
C VAL A 792 17.93 19.42 -1.05
N LEU A 793 17.94 18.54 -0.05
CA LEU A 793 16.80 18.37 0.84
C LEU A 793 16.58 19.60 1.72
N LYS A 794 17.63 20.02 2.42
CA LYS A 794 17.56 21.16 3.33
C LYS A 794 16.47 20.97 4.38
N ASP A 795 15.63 22.00 4.56
CA ASP A 795 14.59 21.95 5.58
C ASP A 795 13.20 21.73 4.98
N SER A 796 13.15 21.03 3.85
CA SER A 796 11.88 20.73 3.20
C SER A 796 10.96 19.92 4.12
N LYS A 797 9.69 20.31 4.15
CA LYS A 797 8.70 19.59 4.95
C LYS A 797 7.85 18.69 4.06
N ASN A 798 8.24 18.59 2.79
CA ASN A 798 7.56 17.72 1.84
C ASN A 798 7.84 16.26 2.14
N PRO A 799 6.79 15.48 2.47
CA PRO A 799 6.92 14.06 2.79
C PRO A 799 7.60 13.27 1.69
N ASN A 800 7.30 13.60 0.45
CA ASN A 800 7.93 12.95 -0.69
C ASN A 800 9.44 13.14 -0.70
N ASP A 801 9.89 14.37 -0.41
CA ASP A 801 11.31 14.68 -0.36
C ASP A 801 12.01 13.91 0.75
N ILE A 802 11.41 13.94 1.94
CA ILE A 802 12.00 13.30 3.11
C ILE A 802 12.08 11.78 2.96
N ARG A 803 10.97 11.18 2.53
CA ARG A 803 10.92 9.74 2.31
C ARG A 803 11.90 9.30 1.22
N ALA A 804 12.06 10.14 0.20
CA ALA A 804 12.95 9.83 -0.92
C ALA A 804 14.40 9.73 -0.47
N VAL A 805 14.80 10.63 0.41
CA VAL A 805 16.19 10.71 0.85
C VAL A 805 16.57 9.55 1.78
N TYR A 806 15.65 9.15 2.65
CA TYR A 806 16.02 8.28 3.77
C TYR A 806 15.55 6.82 3.67
N LEU A 807 14.34 6.60 3.18
CA LEU A 807 13.79 5.24 3.15
C LEU A 807 14.58 4.25 2.27
N PRO A 808 14.97 4.64 1.03
CA PRO A 808 15.74 3.66 0.25
C PRO A 808 17.06 3.25 0.89
N PHE A 809 17.70 4.18 1.61
CA PHE A 809 18.96 3.90 2.29
C PHE A 809 18.84 2.85 3.37
N THR A 810 17.69 2.80 4.03
CA THR A 810 17.45 1.83 5.10
C THR A 810 17.37 0.42 4.53
N ASN A 811 17.33 0.30 3.22
CA ASN A 811 17.32 -1.01 2.59
C ASN A 811 18.76 -1.46 2.24
N ASN A 812 19.74 -0.61 2.57
CA ASN A 812 21.15 -0.98 2.41
C ASN A 812 21.58 -1.88 3.56
N LEU A 813 21.53 -3.18 3.33
CA LEU A 813 21.78 -4.18 4.35
C LEU A 813 23.12 -3.96 5.05
N ARG A 814 24.14 -3.67 4.26
CA ARG A 814 25.50 -3.55 4.78
C ARG A 814 25.73 -2.25 5.55
N ARG A 815 25.21 -1.15 5.01
CA ARG A 815 25.56 0.18 5.52
C ARG A 815 24.58 0.71 6.57
N PHE A 816 23.29 0.52 6.35
CA PHE A 816 22.29 1.00 7.30
C PHE A 816 22.44 0.30 8.64
N HIS A 817 22.77 -0.98 8.59
CA HIS A 817 22.97 -1.77 9.80
C HIS A 817 24.43 -1.81 10.21
N ASP A 818 25.12 -0.69 10.00
CA ASP A 818 26.50 -0.56 10.45
C ASP A 818 26.57 -0.79 11.94
N ILE A 819 27.45 -1.70 12.36
CA ILE A 819 27.48 -2.18 13.75
C ILE A 819 27.77 -1.06 14.76
N SER A 820 28.18 0.10 14.28
CA SER A 820 28.36 1.26 15.15
C SER A 820 27.01 1.83 15.58
N GLY A 821 25.98 1.55 14.77
CA GLY A 821 24.64 2.01 15.07
C GLY A 821 24.34 3.39 14.52
N LYS A 822 25.26 3.94 13.72
CA LYS A 822 25.12 5.30 13.25
C LYS A 822 24.02 5.44 12.20
N GLY A 823 23.66 4.33 11.56
CA GLY A 823 22.53 4.32 10.65
C GLY A 823 21.25 4.42 11.42
N TYR A 824 21.19 3.70 12.54
CA TYR A 824 20.04 3.74 13.42
C TYR A 824 19.89 5.13 14.04
N LYS A 825 21.02 5.72 14.40
CA LYS A 825 21.06 7.05 15.00
C LYS A 825 20.61 8.11 14.01
N LEU A 826 21.05 7.96 12.76
CA LEU A 826 20.70 8.90 11.70
C LEU A 826 19.19 8.99 11.47
N ILE A 827 18.56 7.84 11.27
CA ILE A 827 17.12 7.78 10.97
CA ILE A 827 17.13 7.83 10.96
C ILE A 827 16.28 8.22 12.17
N ALA A 828 16.74 7.87 13.36
CA ALA A 828 16.02 8.26 14.58
C ALA A 828 15.99 9.77 14.73
N GLU A 829 17.08 10.43 14.36
CA GLU A 829 17.15 11.88 14.38
C GLU A 829 16.15 12.48 13.39
N VAL A 830 16.05 11.86 12.22
CA VAL A 830 15.12 12.32 11.19
C VAL A 830 13.67 12.11 11.65
N ILE A 831 13.43 10.99 12.31
CA ILE A 831 12.10 10.70 12.85
C ILE A 831 11.69 11.76 13.88
N THR A 832 12.56 11.98 14.86
CA THR A 832 12.31 12.97 15.91
C THR A 832 12.11 14.36 15.31
N LYS A 833 12.95 14.72 14.35
CA LYS A 833 12.84 16.02 13.68
C LYS A 833 11.52 16.16 12.94
N THR A 834 11.15 15.12 12.21
CA THR A 834 9.93 15.12 11.41
C THR A 834 8.69 15.13 12.30
N ASP A 835 8.79 14.47 13.46
CA ASP A 835 7.66 14.36 14.37
C ASP A 835 7.17 15.71 14.88
N LYS A 836 8.03 16.72 14.77
CA LYS A 836 7.69 18.07 15.22
C LYS A 836 6.59 18.71 14.36
N PHE A 837 6.53 18.35 13.08
CA PHE A 837 5.54 18.96 12.20
C PHE A 837 4.63 17.94 11.50
N ASN A 838 5.06 16.69 11.42
CA ASN A 838 4.26 15.66 10.76
C ASN A 838 4.42 14.29 11.41
N PRO A 839 3.67 14.05 12.51
CA PRO A 839 3.73 12.80 13.27
C PRO A 839 3.47 11.56 12.41
N MET A 840 2.62 11.69 11.41
CA MET A 840 2.26 10.56 10.57
C MET A 840 3.44 10.06 9.75
N VAL A 841 4.12 10.99 9.07
CA VAL A 841 5.29 10.64 8.27
C VAL A 841 6.42 10.14 9.18
N ALA A 842 6.49 10.70 10.38
CA ALA A 842 7.49 10.27 11.37
C ALA A 842 7.32 8.79 11.69
N THR A 843 6.07 8.34 11.75
CA THR A 843 5.78 6.94 12.02
C THR A 843 6.12 6.08 10.81
N GLN A 844 5.90 6.63 9.62
CA GLN A 844 6.30 5.96 8.38
C GLN A 844 7.80 5.71 8.38
N LEU A 845 8.55 6.69 8.88
CA LEU A 845 10.01 6.63 8.89
C LEU A 845 10.54 5.63 9.93
N CYS A 846 9.65 5.09 10.76
CA CYS A 846 10.02 4.11 11.77
C CYS A 846 10.12 2.69 11.23
N GLU A 847 9.70 2.50 9.98
CA GLU A 847 9.63 1.16 9.37
C GLU A 847 10.87 0.26 9.53
N PRO A 848 12.09 0.82 9.41
CA PRO A 848 13.25 -0.07 9.60
C PRO A 848 13.35 -0.67 10.99
N PHE A 849 12.79 -0.01 12.00
CA PHE A 849 12.86 -0.50 13.36
C PHE A 849 11.87 -1.65 13.62
N LYS A 850 10.99 -1.91 12.66
CA LYS A 850 9.95 -2.92 12.83
C LYS A 850 10.52 -4.32 13.04
N LEU A 851 11.72 -4.56 12.51
CA LEU A 851 12.38 -5.85 12.62
C LEU A 851 13.37 -5.94 13.78
N TRP A 852 13.35 -4.96 14.67
CA TRP A 852 14.42 -4.75 15.65
C TRP A 852 14.71 -5.98 16.52
N ASN A 853 13.68 -6.73 16.89
CA ASN A 853 13.88 -7.88 17.77
C ASN A 853 14.21 -9.15 17.01
N LYS A 854 14.45 -9.01 15.70
CA LYS A 854 14.78 -10.16 14.87
C LYS A 854 16.26 -10.20 14.50
N LEU A 855 17.01 -9.17 14.91
CA LEU A 855 18.42 -9.07 14.56
C LEU A 855 19.32 -9.70 15.62
N ASP A 856 20.61 -9.71 15.34
CA ASP A 856 21.60 -10.18 16.32
C ASP A 856 21.55 -9.28 17.56
N THR A 857 21.90 -9.84 18.71
CA THR A 857 21.72 -9.16 19.99
C THR A 857 22.36 -7.78 20.06
N LYS A 858 23.49 -7.60 19.40
CA LYS A 858 24.15 -6.30 19.41
C LYS A 858 23.31 -5.26 18.69
N ARG A 859 22.81 -5.61 17.52
CA ARG A 859 21.99 -4.69 16.73
C ARG A 859 20.61 -4.49 17.38
N GLN A 860 20.14 -5.50 18.10
CA GLN A 860 18.90 -5.36 18.87
C GLN A 860 19.05 -4.25 19.90
N GLU A 861 20.17 -4.29 20.62
CA GLU A 861 20.46 -3.30 21.66
C GLU A 861 20.61 -1.91 21.05
N LEU A 862 21.25 -1.82 19.89
CA LEU A 862 21.47 -0.54 19.23
C LEU A 862 20.16 0.10 18.78
N MET A 863 19.30 -0.68 18.15
CA MET A 863 17.99 -0.19 17.71
C MET A 863 17.10 0.18 18.89
N LEU A 864 17.11 -0.65 19.92
CA LEU A 864 16.28 -0.43 21.11
C LEU A 864 16.67 0.86 21.80
N ASN A 865 17.96 1.14 21.86
CA ASN A 865 18.45 2.36 22.49
CA ASN A 865 18.45 2.36 22.49
C ASN A 865 17.99 3.62 21.76
N GLU A 866 17.97 3.56 20.43
CA GLU A 866 17.54 4.69 19.63
C GLU A 866 16.04 4.92 19.78
N MET A 867 15.28 3.84 19.88
CA MET A 867 13.84 3.94 20.05
C MET A 867 13.49 4.50 21.42
N ASN A 868 14.19 4.03 22.46
CA ASN A 868 13.98 4.55 23.80
C ASN A 868 14.40 6.02 23.89
N THR A 869 15.42 6.39 23.12
CA THR A 869 15.84 7.79 23.04
C THR A 869 14.74 8.65 22.43
N MET A 870 14.13 8.16 21.36
CA MET A 870 13.01 8.86 20.73
C MET A 870 11.82 8.94 21.68
N LEU A 871 11.60 7.87 22.43
CA LEU A 871 10.50 7.81 23.39
C LEU A 871 10.65 8.84 24.52
N GLN A 872 11.90 9.25 24.77
CA GLN A 872 12.19 10.17 25.86
C GLN A 872 12.15 11.63 25.43
N GLU A 873 11.82 11.86 24.15
CA GLU A 873 11.64 13.22 23.66
C GLU A 873 10.40 13.84 24.30
N PRO A 874 10.60 14.95 25.04
CA PRO A 874 9.51 15.62 25.76
C PRO A 874 8.33 16.00 24.87
N GLN A 875 8.61 16.40 23.63
CA GLN A 875 7.57 16.89 22.74
C GLN A 875 7.07 15.83 21.77
N ILE A 876 7.34 14.56 22.08
CA ILE A 876 6.96 13.47 21.19
C ILE A 876 5.44 13.44 21.01
N SER A 877 5.00 13.15 19.79
CA SER A 877 3.57 13.13 19.48
C SER A 877 2.92 11.87 20.03
N ASN A 878 1.60 11.89 20.15
CA ASN A 878 0.85 10.72 20.57
C ASN A 878 1.00 9.58 19.57
N ASN A 879 1.00 9.96 18.29
CA ASN A 879 1.21 9.01 17.20
C ASN A 879 2.50 8.22 17.35
N LEU A 880 3.61 8.94 17.41
CA LEU A 880 4.93 8.33 17.49
C LEU A 880 5.12 7.55 18.80
N LYS A 881 4.63 8.12 19.89
CA LYS A 881 4.78 7.48 21.20
C LYS A 881 4.09 6.13 21.26
N GLU A 882 2.82 6.11 20.87
CA GLU A 882 2.04 4.87 20.88
C GLU A 882 2.64 3.81 19.96
N TYR A 883 3.18 4.27 18.83
CA TYR A 883 3.78 3.36 17.86
C TYR A 883 5.04 2.72 18.42
N LEU A 884 5.90 3.53 19.02
CA LEU A 884 7.14 3.03 19.59
C LEU A 884 6.91 2.20 20.85
N LEU A 885 5.88 2.56 21.61
CA LEU A 885 5.52 1.81 22.82
C LEU A 885 5.07 0.40 22.46
N ARG A 886 4.24 0.28 21.42
CA ARG A 886 3.80 -1.02 20.94
C ARG A 886 4.96 -1.84 20.38
N LEU A 887 5.79 -1.18 19.57
CA LEU A 887 6.90 -1.84 18.89
C LEU A 887 7.93 -2.37 19.87
N THR A 888 8.09 -1.69 21.00
CA THR A 888 9.07 -2.11 22.01
C THR A 888 8.42 -2.84 23.18
N ASN A 889 7.19 -3.32 22.96
CA ASN A 889 6.47 -4.12 23.95
C ASN A 889 6.29 -3.45 25.30
N LYS A 890 6.10 -2.13 25.30
CA LYS A 890 5.81 -1.40 26.53
C LYS A 890 4.34 -1.05 26.64
#